data_6ORF
#
_entry.id   6ORF
#
_cell.length_a   69.991
_cell.length_b   98.982
_cell.length_c   79.090
_cell.angle_alpha   90.000
_cell.angle_beta   97.570
_cell.angle_gamma   90.000
#
_symmetry.space_group_name_H-M   'P 1 21 1'
#
loop_
_entity.id
_entity.type
_entity.pdbx_description
1 polymer SpGH29
2 branched alpha-L-fucopyranose-(1-3)-[beta-D-galactopyranose-(1-4)]2-acetamido-2-deoxy-alpha-D-glucopyranose
3 non-polymer 1,2-ETHANEDIOL
4 water water
#
_entity_poly.entity_id   1
_entity_poly.type   'polypeptide(L)'
_entity_poly.pdbx_seq_one_letter_code
;MKKIKPHGPLPSQTQLAYLGDELAAFIHFGPNTFYDQEWGTGQEDPERFNPSQLDAREWVRVLKETGFKKLILVVKHHDG
FVLYPTAHTDYSVKVSPWRRGKGDLLLEVSQAATEFDMDMGVYLSPWDAHSPLYHVDREADYNAYYLAQLKEILSNPNYG
NAGKFAEVWMNGARGEGAQKVNYEFEKWFETIRDLQGDCLIFSTEGTSIRWIGNQRGYAGDPLWQKVNPDKLGTEAELNY
LQHGDPSGTIFSIGEADVSIRPGWFYHEDQDPKSLEELVEIYFHSVGRGTPLLLNIPPNQAGLFDAKDIERLYEFATYRN
ELYKEDLALGAEVSGPALSADFACRHLTDGLETSSWASDADLPIQLELDLGSPKTFDVIELREDLKLGQRIAAFHVQVEV
DGVWQEFGSGHTVGYKRLLRGAVVEAQKIRVVITESQALPLLTKISLYKTPG
;
_entity_poly.pdbx_strand_id   A,B
#
loop_
_chem_comp.id
_chem_comp.type
_chem_comp.name
_chem_comp.formula
EDO non-polymer 1,2-ETHANEDIOL 'C2 H6 O2'
FUC L-saccharide, alpha linking alpha-L-fucopyranose 'C6 H12 O5'
GAL D-saccharide, beta linking beta-D-galactopyranose 'C6 H12 O6'
NDG D-saccharide, alpha linking 2-acetamido-2-deoxy-alpha-D-glucopyranose 'C8 H15 N O6'
#
# COMPACT_ATOMS: atom_id res chain seq x y z
N LYS A 3 -31.42 18.81 6.44
CA LYS A 3 -31.25 17.34 6.62
C LYS A 3 -30.76 16.70 5.32
N ILE A 4 -29.45 16.44 5.28
CA ILE A 4 -28.76 15.65 4.27
C ILE A 4 -29.33 14.23 4.27
N LYS A 5 -29.59 13.71 3.07
CA LYS A 5 -30.14 12.36 2.90
C LYS A 5 -28.99 11.37 3.13
N PRO A 6 -29.24 10.17 3.69
CA PRO A 6 -28.19 9.15 3.78
C PRO A 6 -27.79 8.66 2.38
N HIS A 7 -26.63 8.01 2.31
CA HIS A 7 -26.11 7.46 1.06
C HIS A 7 -25.59 6.04 1.34
N GLY A 8 -26.04 5.07 0.52
CA GLY A 8 -25.50 3.71 0.58
C GLY A 8 -25.93 2.92 1.81
N PRO A 9 -25.33 1.72 2.04
CA PRO A 9 -25.75 0.88 3.16
C PRO A 9 -25.21 1.45 4.46
N LEU A 10 -26.07 1.51 5.47
CA LEU A 10 -25.66 2.20 6.69
C LEU A 10 -25.29 1.18 7.75
N PRO A 11 -24.31 1.52 8.62
CA PRO A 11 -23.83 0.59 9.64
C PRO A 11 -24.83 0.48 10.79
N SER A 12 -24.84 -0.68 11.45
CA SER A 12 -25.64 -0.85 12.65
C SER A 12 -24.95 -0.14 13.81
N GLN A 13 -25.69 0.03 14.90
CA GLN A 13 -25.07 0.55 16.11
C GLN A 13 -23.89 -0.31 16.55
N THR A 14 -24.03 -1.64 16.49
CA THR A 14 -22.96 -2.52 16.95
C THR A 14 -21.74 -2.39 16.05
N GLN A 15 -21.98 -2.18 14.74
CA GLN A 15 -20.84 -1.95 13.84
C GLN A 15 -20.10 -0.65 14.20
N LEU A 16 -20.84 0.45 14.38
CA LEU A 16 -20.22 1.73 14.72
C LEU A 16 -19.48 1.61 16.05
N ALA A 17 -20.05 0.86 17.00
CA ALA A 17 -19.39 0.73 18.31
C ALA A 17 -18.04 0.06 18.12
N TYR A 18 -17.96 -0.99 17.26
CA TYR A 18 -16.69 -1.66 17.02
C TYR A 18 -15.69 -0.70 16.38
N LEU A 19 -16.14 0.01 15.34
CA LEU A 19 -15.27 0.94 14.64
C LEU A 19 -14.71 1.96 15.63
N GLY A 20 -15.57 2.38 16.56
CA GLY A 20 -15.16 3.33 17.60
C GLY A 20 -14.10 2.77 18.53
N ASP A 21 -14.20 1.47 18.82
CA ASP A 21 -13.35 0.86 19.84
C ASP A 21 -11.95 0.56 19.28
N GLU A 22 -11.85 0.29 17.96
CA GLU A 22 -10.60 0.18 17.21
C GLU A 22 -9.77 -1.09 17.41
N LEU A 23 -9.60 -1.56 18.67
CA LEU A 23 -8.62 -2.58 19.02
C LEU A 23 -9.31 -3.72 19.74
N ALA A 24 -9.09 -4.93 19.20
CA ALA A 24 -9.59 -6.15 19.79
C ALA A 24 -8.41 -7.11 19.87
N ALA A 25 -8.48 -8.05 20.84
CA ALA A 25 -7.45 -9.06 21.03
C ALA A 25 -8.02 -10.44 20.71
N PHE A 26 -7.18 -11.27 20.09
CA PHE A 26 -7.49 -12.67 19.80
C PHE A 26 -6.69 -13.53 20.77
N ILE A 27 -7.26 -14.66 21.23
CA ILE A 27 -6.49 -15.62 22.03
C ILE A 27 -6.64 -17.01 21.41
N HIS A 28 -5.56 -17.56 20.84
CA HIS A 28 -5.45 -18.94 20.42
C HIS A 28 -4.62 -19.69 21.45
N PHE A 29 -5.25 -20.71 22.07
CA PHE A 29 -4.62 -21.46 23.12
C PHE A 29 -5.34 -22.79 23.15
N GLY A 30 -4.60 -23.89 23.28
CA GLY A 30 -5.28 -25.18 23.23
C GLY A 30 -4.28 -26.33 23.10
N PRO A 31 -4.73 -27.56 22.75
CA PRO A 31 -3.78 -28.65 22.48
C PRO A 31 -2.61 -28.26 21.58
N ASN A 32 -2.86 -27.44 20.55
CA ASN A 32 -1.82 -27.01 19.62
C ASN A 32 -0.64 -26.38 20.35
N THR A 33 -0.92 -25.69 21.47
CA THR A 33 0.11 -25.02 22.25
C THR A 33 1.04 -26.06 22.86
N PHE A 34 0.47 -27.19 23.26
CA PHE A 34 1.25 -28.23 23.92
C PHE A 34 1.91 -29.12 22.88
N TYR A 35 1.34 -29.20 21.68
CA TYR A 35 1.88 -30.03 20.61
C TYR A 35 2.85 -29.27 19.70
N ASP A 36 3.05 -27.97 19.95
CA ASP A 36 3.95 -27.13 19.15
C ASP A 36 3.57 -27.21 17.68
N GLN A 37 2.30 -26.90 17.40
CA GLN A 37 1.83 -26.96 16.02
C GLN A 37 0.83 -25.81 15.80
N GLU A 38 0.46 -25.59 14.53
CA GLU A 38 -0.50 -24.56 14.18
C GLU A 38 -1.89 -25.14 13.93
N TRP A 39 -1.96 -26.35 13.33
CA TRP A 39 -3.19 -27.09 13.12
C TRP A 39 -3.08 -28.44 13.85
N GLY A 40 -4.19 -28.90 14.41
CA GLY A 40 -4.30 -30.21 15.06
C GLY A 40 -5.16 -31.18 14.25
N THR A 41 -5.11 -32.48 14.61
CA THR A 41 -5.78 -33.50 13.82
C THR A 41 -7.04 -34.04 14.52
N GLY A 42 -7.21 -33.74 15.81
CA GLY A 42 -8.28 -34.34 16.61
C GLY A 42 -7.80 -35.63 17.27
N GLN A 43 -6.53 -35.96 17.08
CA GLN A 43 -5.94 -37.16 17.68
C GLN A 43 -5.08 -36.77 18.87
N GLU A 44 -4.98 -35.46 19.17
CA GLU A 44 -4.31 -34.99 20.38
C GLU A 44 -4.92 -35.63 21.63
N ASP A 45 -4.05 -35.93 22.59
CA ASP A 45 -4.40 -36.59 23.85
C ASP A 45 -4.84 -35.53 24.85
N PRO A 46 -6.12 -35.51 25.31
CA PRO A 46 -6.56 -34.53 26.31
C PRO A 46 -5.71 -34.49 27.57
N GLU A 47 -5.01 -35.59 27.87
CA GLU A 47 -4.15 -35.63 29.04
C GLU A 47 -3.04 -34.59 28.94
N ARG A 48 -2.63 -34.25 27.70
CA ARG A 48 -1.56 -33.29 27.46
C ARG A 48 -2.04 -31.86 27.63
N PHE A 49 -3.37 -31.65 27.68
CA PHE A 49 -3.88 -30.31 27.93
C PHE A 49 -3.86 -30.04 29.43
N ASN A 50 -2.77 -29.42 29.86
CA ASN A 50 -2.49 -29.43 31.28
C ASN A 50 -1.61 -28.21 31.61
N PRO A 51 -2.11 -26.97 31.41
CA PRO A 51 -1.27 -25.81 31.68
C PRO A 51 -0.89 -25.80 33.16
N SER A 52 0.38 -25.44 33.44
CA SER A 52 0.86 -25.57 34.81
C SER A 52 0.21 -24.57 35.77
N GLN A 53 -0.14 -23.34 35.28
CA GLN A 53 -0.48 -22.21 36.15
C GLN A 53 -1.27 -21.12 35.43
N LEU A 54 -2.39 -21.51 34.79
CA LEU A 54 -3.07 -20.57 33.91
C LEU A 54 -3.73 -19.44 34.72
N ASP A 55 -3.62 -18.22 34.18
CA ASP A 55 -4.13 -17.05 34.85
C ASP A 55 -4.86 -16.12 33.87
N ALA A 56 -6.15 -16.42 33.62
CA ALA A 56 -6.91 -15.63 32.66
C ALA A 56 -7.05 -14.19 33.13
N ARG A 57 -7.06 -13.95 34.45
CA ARG A 57 -7.21 -12.61 34.96
C ARG A 57 -6.03 -11.73 34.50
N GLU A 58 -4.83 -12.30 34.50
CA GLU A 58 -3.65 -11.62 34.00
C GLU A 58 -3.77 -11.35 32.49
N TRP A 59 -4.34 -12.30 31.72
CA TRP A 59 -4.56 -11.98 30.31
C TRP A 59 -5.44 -10.73 30.18
N VAL A 60 -6.59 -10.74 30.88
CA VAL A 60 -7.55 -9.66 30.73
C VAL A 60 -6.94 -8.34 31.23
N ARG A 61 -6.23 -8.40 32.36
CA ARG A 61 -5.73 -7.15 32.92
C ARG A 61 -4.78 -6.46 31.95
N VAL A 62 -3.84 -7.22 31.36
CA VAL A 62 -2.85 -6.66 30.47
C VAL A 62 -3.55 -6.15 29.21
N LEU A 63 -4.48 -6.92 28.69
CA LEU A 63 -5.21 -6.43 27.50
C LEU A 63 -5.96 -5.12 27.81
N LYS A 64 -6.62 -5.04 28.98
CA LYS A 64 -7.38 -3.85 29.31
C LYS A 64 -6.43 -2.66 29.44
N GLU A 65 -5.31 -2.90 30.15
CA GLU A 65 -4.37 -1.83 30.44
C GLU A 65 -3.69 -1.32 29.17
N THR A 66 -3.66 -2.13 28.10
CA THR A 66 -2.93 -1.76 26.90
C THR A 66 -3.90 -1.46 25.76
N GLY A 67 -5.17 -1.16 26.11
CA GLY A 67 -6.10 -0.41 25.27
C GLY A 67 -7.02 -1.31 24.43
N PHE A 68 -7.00 -2.64 24.67
CA PHE A 68 -7.88 -3.54 23.92
C PHE A 68 -9.30 -3.47 24.49
N LYS A 69 -10.31 -3.51 23.60
CA LYS A 69 -11.69 -3.28 24.03
C LYS A 69 -12.59 -4.51 23.86
N LYS A 70 -12.02 -5.59 23.33
CA LYS A 70 -12.73 -6.83 23.10
C LYS A 70 -11.69 -7.92 23.12
N LEU A 71 -12.06 -9.12 23.59
CA LEU A 71 -11.21 -10.30 23.65
C LEU A 71 -11.97 -11.45 23.00
N ILE A 72 -11.46 -11.92 21.85
CA ILE A 72 -12.09 -13.03 21.17
C ILE A 72 -11.37 -14.33 21.53
N LEU A 73 -12.08 -15.23 22.22
CA LEU A 73 -11.46 -16.46 22.72
C LEU A 73 -11.77 -17.63 21.79
N VAL A 74 -10.71 -18.35 21.36
CA VAL A 74 -10.89 -19.65 20.74
C VAL A 74 -11.37 -20.63 21.79
N VAL A 75 -12.57 -21.21 21.64
N VAL A 75 -12.58 -21.16 21.59
CA VAL A 75 -13.00 -22.27 22.54
CA VAL A 75 -13.12 -22.20 22.47
C VAL A 75 -13.07 -23.63 21.82
C VAL A 75 -12.95 -23.57 21.83
N LYS A 76 -12.83 -23.64 20.49
CA LYS A 76 -12.65 -24.90 19.78
C LYS A 76 -11.97 -24.57 18.48
N HIS A 77 -10.73 -25.03 18.30
CA HIS A 77 -10.05 -24.83 17.03
C HIS A 77 -10.40 -25.98 16.09
N HIS A 78 -9.68 -26.08 14.95
CA HIS A 78 -10.01 -27.09 13.94
C HIS A 78 -9.87 -28.51 14.49
N ASP A 79 -8.94 -28.72 15.45
CA ASP A 79 -8.74 -30.00 16.09
C ASP A 79 -9.98 -30.52 16.83
N GLY A 80 -10.90 -29.62 17.19
CA GLY A 80 -12.21 -30.03 17.71
C GLY A 80 -12.25 -30.16 19.23
N PHE A 81 -11.13 -29.97 19.91
CA PHE A 81 -11.11 -30.06 21.37
C PHE A 81 -11.77 -28.84 22.01
N VAL A 82 -12.82 -29.09 22.82
CA VAL A 82 -13.65 -28.00 23.31
C VAL A 82 -13.12 -27.55 24.68
N LEU A 83 -12.94 -26.24 24.87
CA LEU A 83 -12.27 -25.78 26.08
C LEU A 83 -13.25 -25.33 27.18
N TYR A 84 -14.53 -25.72 27.07
CA TYR A 84 -15.49 -25.60 28.16
C TYR A 84 -16.19 -26.96 28.26
N PRO A 85 -16.77 -27.30 29.44
CA PRO A 85 -17.33 -28.64 29.64
C PRO A 85 -18.70 -28.81 28.98
N THR A 86 -18.66 -28.85 27.64
CA THR A 86 -19.82 -29.04 26.80
C THR A 86 -20.53 -30.36 27.13
N ALA A 87 -21.85 -30.34 26.95
CA ALA A 87 -22.68 -31.53 27.08
C ALA A 87 -22.60 -32.40 25.81
N HIS A 88 -21.94 -31.92 24.75
CA HIS A 88 -22.30 -32.45 23.44
C HIS A 88 -21.19 -33.26 22.76
N THR A 89 -20.04 -33.31 23.41
CA THR A 89 -18.97 -34.20 23.00
C THR A 89 -18.20 -34.54 24.26
N ASP A 90 -17.54 -35.71 24.23
CA ASP A 90 -16.62 -36.04 25.31
C ASP A 90 -15.24 -35.44 25.04
N TYR A 91 -14.99 -34.85 23.87
CA TYR A 91 -13.64 -34.39 23.56
C TYR A 91 -13.47 -32.95 24.05
N SER A 92 -13.27 -32.79 25.37
CA SER A 92 -13.30 -31.48 25.99
C SER A 92 -12.41 -31.51 27.23
N VAL A 93 -12.26 -30.34 27.84
CA VAL A 93 -11.63 -30.17 29.14
C VAL A 93 -12.19 -31.12 30.21
N LYS A 94 -13.41 -31.66 30.05
CA LYS A 94 -13.95 -32.58 31.04
C LYS A 94 -13.02 -33.77 31.28
N VAL A 95 -12.26 -34.19 30.24
CA VAL A 95 -11.41 -35.38 30.30
C VAL A 95 -9.93 -34.98 30.37
N SER A 96 -9.70 -33.70 30.61
CA SER A 96 -8.35 -33.21 30.83
C SER A 96 -8.07 -33.17 32.33
N PRO A 97 -6.80 -33.30 32.75
CA PRO A 97 -6.43 -33.16 34.17
C PRO A 97 -6.48 -31.72 34.71
N TRP A 98 -6.52 -30.73 33.80
CA TRP A 98 -6.51 -29.34 34.20
C TRP A 98 -7.64 -29.08 35.20
N ARG A 99 -7.33 -28.39 36.32
CA ARG A 99 -8.28 -28.04 37.36
C ARG A 99 -8.98 -29.30 37.90
N ARG A 100 -8.21 -30.39 37.95
CA ARG A 100 -8.67 -31.69 38.42
C ARG A 100 -9.97 -32.03 37.70
N GLY A 101 -10.01 -31.65 36.42
CA GLY A 101 -11.04 -32.11 35.50
C GLY A 101 -12.30 -31.25 35.52
N LYS A 102 -12.33 -30.22 36.38
CA LYS A 102 -13.49 -29.37 36.52
C LYS A 102 -13.22 -28.03 35.85
N GLY A 103 -12.28 -28.00 34.91
CA GLY A 103 -11.86 -26.73 34.34
C GLY A 103 -12.84 -26.27 33.25
N ASP A 104 -12.90 -24.94 33.10
CA ASP A 104 -13.76 -24.29 32.13
C ASP A 104 -13.09 -22.98 31.73
N LEU A 105 -12.38 -22.97 30.60
CA LEU A 105 -11.62 -21.78 30.22
C LEU A 105 -12.55 -20.63 29.85
N LEU A 106 -13.69 -20.93 29.19
CA LEU A 106 -14.66 -19.91 28.89
C LEU A 106 -15.13 -19.23 30.18
N LEU A 107 -15.39 -20.01 31.24
CA LEU A 107 -15.81 -19.42 32.51
C LEU A 107 -14.69 -18.54 33.08
N GLU A 108 -13.46 -19.06 33.09
CA GLU A 108 -12.35 -18.31 33.68
C GLU A 108 -12.11 -16.99 32.97
N VAL A 109 -12.19 -17.00 31.63
CA VAL A 109 -11.97 -15.76 30.88
C VAL A 109 -13.16 -14.84 31.11
N SER A 110 -14.37 -15.42 31.14
CA SER A 110 -15.58 -14.63 31.26
C SER A 110 -15.61 -13.91 32.62
N GLN A 111 -15.19 -14.60 33.67
CA GLN A 111 -15.23 -14.01 35.01
C GLN A 111 -14.30 -12.79 35.04
N ALA A 112 -13.10 -12.95 34.45
CA ALA A 112 -12.13 -11.86 34.40
C ALA A 112 -12.59 -10.72 33.48
N ALA A 113 -13.08 -11.06 32.29
CA ALA A 113 -13.61 -10.05 31.38
C ALA A 113 -14.73 -9.25 32.06
N THR A 114 -15.62 -9.94 32.79
CA THR A 114 -16.71 -9.24 33.46
C THR A 114 -16.15 -8.27 34.50
N GLU A 115 -15.17 -8.71 35.28
CA GLU A 115 -14.53 -7.87 36.29
C GLU A 115 -13.96 -6.60 35.64
N PHE A 116 -13.32 -6.73 34.47
CA PHE A 116 -12.66 -5.60 33.82
C PHE A 116 -13.54 -4.90 32.78
N ASP A 117 -14.81 -5.26 32.61
CA ASP A 117 -15.64 -4.69 31.57
C ASP A 117 -14.92 -4.78 30.21
N MET A 118 -14.44 -6.00 29.91
CA MET A 118 -13.83 -6.32 28.63
C MET A 118 -14.88 -7.06 27.81
N ASP A 119 -15.29 -6.51 26.67
CA ASP A 119 -16.24 -7.21 25.79
C ASP A 119 -15.63 -8.54 25.32
N MET A 120 -16.51 -9.49 24.97
N MET A 120 -16.48 -9.54 25.05
CA MET A 120 -16.12 -10.87 24.70
CA MET A 120 -15.93 -10.83 24.66
C MET A 120 -16.56 -11.27 23.29
C MET A 120 -16.53 -11.32 23.36
N GLY A 121 -15.66 -11.98 22.59
CA GLY A 121 -16.05 -12.71 21.40
C GLY A 121 -15.73 -14.20 21.58
N VAL A 122 -16.30 -15.04 20.71
CA VAL A 122 -16.07 -16.47 20.82
C VAL A 122 -15.83 -17.03 19.41
N TYR A 123 -14.76 -17.80 19.28
CA TYR A 123 -14.37 -18.50 18.04
C TYR A 123 -14.66 -20.00 18.24
N LEU A 124 -15.52 -20.53 17.37
CA LEU A 124 -15.91 -21.94 17.43
C LEU A 124 -15.75 -22.47 16.01
N SER A 125 -14.73 -23.31 15.78
CA SER A 125 -14.37 -23.65 14.41
C SER A 125 -15.47 -24.42 13.68
N PRO A 126 -16.00 -23.94 12.55
CA PRO A 126 -16.87 -24.77 11.73
C PRO A 126 -16.25 -26.09 11.30
N TRP A 127 -15.04 -26.03 10.75
CA TRP A 127 -14.32 -27.28 10.41
C TRP A 127 -13.91 -27.98 11.69
N ASP A 128 -14.33 -29.25 11.81
CA ASP A 128 -14.07 -30.01 13.03
C ASP A 128 -13.44 -31.35 12.65
N ALA A 129 -12.14 -31.47 12.93
CA ALA A 129 -11.35 -32.62 12.49
C ALA A 129 -11.54 -33.81 13.45
N HIS A 130 -12.16 -33.58 14.62
CA HIS A 130 -12.39 -34.65 15.59
C HIS A 130 -13.77 -35.30 15.40
N SER A 131 -14.82 -34.46 15.30
CA SER A 131 -16.19 -34.94 15.43
C SER A 131 -16.46 -36.07 14.43
N PRO A 132 -16.99 -37.23 14.87
CA PRO A 132 -17.41 -38.25 13.91
C PRO A 132 -18.61 -37.77 13.10
N LEU A 133 -19.25 -36.65 13.50
CA LEU A 133 -20.39 -36.14 12.75
C LEU A 133 -19.97 -35.30 11.54
N TYR A 134 -18.68 -34.95 11.46
CA TYR A 134 -18.21 -34.04 10.43
C TYR A 134 -18.03 -34.83 9.14
N HIS A 135 -19.12 -35.01 8.41
CA HIS A 135 -19.10 -35.84 7.22
C HIS A 135 -20.30 -35.43 6.40
N VAL A 136 -20.16 -35.46 5.07
CA VAL A 136 -21.31 -35.08 4.28
C VAL A 136 -22.52 -35.96 4.57
N ASP A 137 -22.31 -37.25 4.90
CA ASP A 137 -23.45 -38.14 5.19
C ASP A 137 -24.11 -37.85 6.53
N ARG A 138 -23.46 -37.05 7.38
CA ARG A 138 -23.94 -36.77 8.72
C ARG A 138 -24.03 -35.26 8.94
N GLU A 139 -24.14 -34.49 7.86
CA GLU A 139 -24.01 -33.04 8.04
C GLU A 139 -25.18 -32.44 8.82
N ALA A 140 -26.39 -32.99 8.72
CA ALA A 140 -27.47 -32.44 9.54
C ALA A 140 -27.14 -32.62 11.03
N ASP A 141 -26.52 -33.75 11.35
CA ASP A 141 -26.11 -34.00 12.74
C ASP A 141 -24.98 -33.07 13.14
N TYR A 142 -24.01 -32.81 12.23
CA TYR A 142 -22.93 -31.91 12.59
C TYR A 142 -23.46 -30.49 12.82
N ASN A 143 -24.35 -30.03 11.94
CA ASN A 143 -24.97 -28.73 12.11
C ASN A 143 -25.70 -28.61 13.45
N ALA A 144 -26.39 -29.69 13.90
CA ALA A 144 -27.10 -29.62 15.17
C ALA A 144 -26.12 -29.58 16.33
N TYR A 145 -24.97 -30.26 16.18
CA TYR A 145 -23.91 -30.22 17.18
C TYR A 145 -23.40 -28.78 17.34
N TYR A 146 -23.00 -28.18 16.22
CA TYR A 146 -22.48 -26.82 16.24
C TYR A 146 -23.52 -25.86 16.83
N LEU A 147 -24.77 -25.96 16.35
CA LEU A 147 -25.85 -25.12 16.85
C LEU A 147 -26.02 -25.28 18.35
N ALA A 148 -25.98 -26.54 18.82
CA ALA A 148 -26.23 -26.79 20.24
C ALA A 148 -25.12 -26.13 21.06
N GLN A 149 -23.92 -26.06 20.49
CA GLN A 149 -22.82 -25.45 21.23
C GLN A 149 -22.98 -23.92 21.22
N LEU A 150 -23.45 -23.35 20.09
CA LEU A 150 -23.75 -21.92 20.10
C LEU A 150 -24.75 -21.64 21.22
N LYS A 151 -25.74 -22.52 21.41
CA LYS A 151 -26.76 -22.24 22.44
C LYS A 151 -26.12 -22.33 23.81
N GLU A 152 -25.27 -23.33 24.03
CA GLU A 152 -24.59 -23.48 25.33
C GLU A 152 -23.75 -22.24 25.66
N ILE A 153 -23.01 -21.75 24.68
CA ILE A 153 -22.13 -20.62 24.89
C ILE A 153 -22.94 -19.35 25.14
N LEU A 154 -23.96 -19.11 24.30
CA LEU A 154 -24.51 -17.76 24.14
C LEU A 154 -25.74 -17.56 25.03
N SER A 155 -26.16 -18.60 25.76
CA SER A 155 -27.36 -18.50 26.60
C SER A 155 -27.03 -18.48 28.09
N ASN A 156 -25.75 -18.65 28.45
CA ASN A 156 -25.37 -18.87 29.83
C ASN A 156 -24.93 -17.53 30.45
N PRO A 157 -25.58 -17.04 31.54
CA PRO A 157 -25.24 -15.73 32.11
C PRO A 157 -23.81 -15.65 32.65
N ASN A 158 -23.22 -16.81 32.88
CA ASN A 158 -21.87 -16.88 33.42
C ASN A 158 -20.81 -16.77 32.31
N TYR A 159 -21.26 -16.79 31.03
CA TYR A 159 -20.32 -16.65 29.93
C TYR A 159 -20.44 -15.26 29.30
N GLY A 160 -19.33 -14.76 28.77
CA GLY A 160 -19.32 -13.42 28.18
C GLY A 160 -19.02 -12.33 29.19
N ASN A 161 -19.19 -11.09 28.76
CA ASN A 161 -19.07 -9.92 29.62
C ASN A 161 -20.44 -9.65 30.22
N ALA A 162 -20.62 -10.05 31.49
CA ALA A 162 -21.93 -9.98 32.14
C ALA A 162 -22.99 -10.63 31.26
N GLY A 163 -22.68 -11.83 30.73
CA GLY A 163 -23.65 -12.56 29.95
C GLY A 163 -23.79 -12.10 28.49
N LYS A 164 -23.02 -11.08 28.08
CA LYS A 164 -23.16 -10.55 26.73
C LYS A 164 -21.94 -10.89 25.87
N PHE A 165 -22.20 -11.26 24.61
CA PHE A 165 -21.13 -11.46 23.65
C PHE A 165 -21.24 -10.42 22.55
N ALA A 166 -20.07 -9.90 22.13
CA ALA A 166 -20.03 -8.83 21.15
C ALA A 166 -19.72 -9.35 19.74
N GLU A 167 -19.14 -10.55 19.64
CA GLU A 167 -18.76 -11.06 18.30
C GLU A 167 -18.70 -12.60 18.36
N VAL A 168 -19.18 -13.27 17.28
CA VAL A 168 -19.03 -14.70 17.09
C VAL A 168 -18.15 -14.87 15.85
N TRP A 169 -17.13 -15.72 15.94
CA TRP A 169 -16.19 -15.91 14.84
C TRP A 169 -16.36 -17.29 14.21
N MET A 170 -16.68 -17.33 12.91
CA MET A 170 -16.80 -18.58 12.18
C MET A 170 -15.71 -18.61 11.09
N ASN A 171 -14.58 -19.21 11.44
CA ASN A 171 -13.46 -19.27 10.52
C ASN A 171 -13.83 -20.06 9.26
N GLY A 172 -13.34 -19.59 8.12
CA GLY A 172 -13.61 -20.24 6.84
C GLY A 172 -12.63 -21.37 6.47
N ALA A 173 -11.55 -21.56 7.24
CA ALA A 173 -10.48 -22.46 6.82
C ALA A 173 -10.91 -23.92 6.86
N ARG A 174 -10.48 -24.71 5.86
CA ARG A 174 -10.67 -26.15 5.94
C ARG A 174 -9.54 -26.84 5.16
N GLY A 175 -8.94 -27.88 5.76
CA GLY A 175 -7.89 -28.66 5.12
C GLY A 175 -8.37 -29.32 3.83
N GLU A 176 -7.46 -29.49 2.87
CA GLU A 176 -7.78 -29.98 1.53
C GLU A 176 -8.45 -31.36 1.53
N GLY A 177 -8.03 -32.24 2.44
CA GLY A 177 -8.59 -33.59 2.42
C GLY A 177 -9.90 -33.75 3.19
N ALA A 178 -10.37 -32.66 3.83
CA ALA A 178 -11.48 -32.75 4.78
C ALA A 178 -12.83 -32.94 4.08
N GLN A 179 -13.79 -33.48 4.84
CA GLN A 179 -15.13 -33.67 4.32
C GLN A 179 -15.76 -32.33 3.95
N LYS A 180 -16.51 -32.31 2.83
CA LYS A 180 -17.05 -31.06 2.29
C LYS A 180 -18.42 -30.78 2.91
N VAL A 181 -18.45 -30.65 4.24
CA VAL A 181 -19.68 -30.37 4.97
C VAL A 181 -20.20 -28.98 4.58
N ASN A 182 -21.53 -28.84 4.42
CA ASN A 182 -22.17 -27.55 4.20
C ASN A 182 -22.87 -27.13 5.49
N TYR A 183 -22.79 -25.82 5.78
CA TYR A 183 -23.30 -25.35 7.07
C TYR A 183 -24.66 -24.69 6.93
N GLU A 184 -25.45 -24.80 8.01
CA GLU A 184 -26.78 -24.23 8.09
C GLU A 184 -26.65 -22.80 8.61
N PHE A 185 -26.01 -21.93 7.83
CA PHE A 185 -25.63 -20.61 8.32
C PHE A 185 -26.83 -19.84 8.86
N GLU A 186 -27.93 -19.82 8.10
CA GLU A 186 -29.06 -18.99 8.50
C GLU A 186 -29.65 -19.42 9.83
N LYS A 187 -29.71 -20.74 10.03
N LYS A 187 -29.69 -20.74 10.08
CA LYS A 187 -30.16 -21.26 11.30
CA LYS A 187 -30.17 -21.23 11.36
C LYS A 187 -29.25 -20.71 12.41
C LYS A 187 -29.23 -20.82 12.50
N TRP A 188 -27.92 -20.84 12.23
CA TRP A 188 -26.95 -20.40 13.22
C TRP A 188 -27.15 -18.91 13.52
N PHE A 189 -27.31 -18.11 12.46
CA PHE A 189 -27.43 -16.67 12.64
C PHE A 189 -28.70 -16.35 13.44
N GLU A 190 -29.81 -17.07 13.15
CA GLU A 190 -31.06 -16.81 13.85
C GLU A 190 -30.90 -17.02 15.36
N THR A 191 -30.21 -18.10 15.75
CA THR A 191 -29.99 -18.45 17.13
C THR A 191 -29.12 -17.38 17.79
N ILE A 192 -28.13 -16.88 17.04
CA ILE A 192 -27.24 -15.87 17.58
C ILE A 192 -28.04 -14.59 17.88
N ARG A 193 -28.94 -14.25 16.97
CA ARG A 193 -29.85 -13.12 17.20
C ARG A 193 -30.79 -13.36 18.37
N ASP A 194 -31.41 -14.55 18.45
CA ASP A 194 -32.31 -14.86 19.55
C ASP A 194 -31.61 -14.69 20.91
N LEU A 195 -30.34 -15.06 21.00
CA LEU A 195 -29.68 -15.09 22.31
C LEU A 195 -28.88 -13.81 22.59
N GLN A 196 -28.37 -13.16 21.53
CA GLN A 196 -27.42 -12.07 21.68
C GLN A 196 -27.71 -10.87 20.79
N GLY A 197 -28.89 -10.82 20.17
CA GLY A 197 -29.31 -9.62 19.47
C GLY A 197 -28.41 -9.31 18.28
N ASP A 198 -27.89 -8.08 18.27
CA ASP A 198 -27.14 -7.53 17.15
C ASP A 198 -25.64 -7.87 17.26
N CYS A 199 -25.34 -8.89 18.06
CA CYS A 199 -23.98 -9.39 18.21
C CYS A 199 -23.34 -9.51 16.82
N LEU A 200 -22.10 -9.02 16.66
CA LEU A 200 -21.46 -9.07 15.34
C LEU A 200 -21.08 -10.52 15.00
N ILE A 201 -21.08 -10.81 13.70
CA ILE A 201 -20.71 -12.14 13.24
C ILE A 201 -19.64 -12.04 12.15
N PHE A 202 -18.48 -12.66 12.41
CA PHE A 202 -17.46 -12.84 11.37
C PHE A 202 -17.72 -14.18 10.70
N SER A 203 -17.87 -14.20 9.35
CA SER A 203 -18.04 -15.46 8.66
C SER A 203 -17.66 -15.22 7.20
N THR A 204 -17.74 -16.28 6.40
CA THR A 204 -17.50 -16.18 4.96
C THR A 204 -18.73 -15.65 4.22
N GLU A 205 -19.87 -15.58 4.94
CA GLU A 205 -21.14 -15.18 4.34
C GLU A 205 -21.42 -13.70 4.57
N GLY A 206 -22.63 -13.23 4.20
CA GLY A 206 -22.89 -11.79 4.22
C GLY A 206 -23.31 -11.28 5.59
N THR A 207 -22.41 -11.42 6.56
CA THR A 207 -22.70 -11.01 7.93
C THR A 207 -22.09 -9.62 8.17
N SER A 208 -22.04 -9.20 9.46
CA SER A 208 -21.71 -7.81 9.75
C SER A 208 -20.20 -7.59 9.71
N ILE A 209 -19.42 -8.67 9.85
CA ILE A 209 -17.96 -8.58 9.76
C ILE A 209 -17.50 -9.55 8.67
N ARG A 210 -16.59 -9.11 7.79
CA ARG A 210 -15.90 -10.02 6.88
C ARG A 210 -14.41 -10.02 7.20
N TRP A 211 -13.71 -11.03 6.69
CA TRP A 211 -12.26 -11.00 6.71
C TRP A 211 -11.73 -9.91 5.79
N ILE A 212 -10.61 -9.26 6.17
CA ILE A 212 -9.93 -8.29 5.29
C ILE A 212 -9.18 -9.00 4.15
N GLY A 213 -8.99 -10.33 4.25
CA GLY A 213 -8.41 -11.03 3.09
C GLY A 213 -6.90 -11.28 3.21
N ASN A 214 -6.32 -10.97 4.37
CA ASN A 214 -4.96 -11.38 4.67
C ASN A 214 -4.82 -11.42 6.19
N GLN A 215 -3.75 -12.06 6.66
N GLN A 215 -3.74 -12.04 6.67
CA GLN A 215 -3.46 -12.14 8.09
CA GLN A 215 -3.47 -12.11 8.11
C GLN A 215 -2.21 -11.32 8.40
C GLN A 215 -2.22 -11.30 8.43
N ARG A 216 -2.05 -10.18 7.71
CA ARG A 216 -0.88 -9.32 7.81
C ARG A 216 -1.24 -7.97 8.45
N GLY A 217 -2.52 -7.72 8.70
CA GLY A 217 -2.92 -6.48 9.32
C GLY A 217 -3.06 -5.35 8.30
N TYR A 218 -3.29 -5.68 7.02
CA TYR A 218 -3.23 -4.71 5.92
C TYR A 218 -4.62 -4.56 5.32
N ALA A 219 -5.29 -3.41 5.57
CA ALA A 219 -6.50 -3.05 4.82
C ALA A 219 -6.10 -2.33 3.54
N GLY A 220 -6.87 -2.53 2.46
CA GLY A 220 -6.48 -1.85 1.25
C GLY A 220 -6.80 -0.35 1.26
N ASP A 221 -6.25 0.36 0.27
CA ASP A 221 -6.74 1.66 -0.10
C ASP A 221 -7.08 1.57 -1.60
N PRO A 222 -8.36 1.67 -1.97
CA PRO A 222 -9.46 2.02 -1.08
C PRO A 222 -9.90 0.92 -0.11
N LEU A 223 -10.56 1.32 1.00
CA LEU A 223 -11.31 0.37 1.82
C LEU A 223 -12.74 0.86 1.96
N TRP A 224 -13.60 0.23 1.16
CA TRP A 224 -15.04 0.40 1.29
C TRP A 224 -15.51 -0.60 2.33
N GLN A 225 -16.18 -0.09 3.38
CA GLN A 225 -16.73 -0.98 4.39
C GLN A 225 -18.15 -1.41 4.01
N LYS A 226 -18.24 -2.10 2.85
CA LYS A 226 -19.52 -2.54 2.34
C LYS A 226 -19.18 -3.53 1.23
N VAL A 227 -20.06 -4.52 1.06
CA VAL A 227 -19.88 -5.54 0.03
C VAL A 227 -21.25 -5.95 -0.46
N ASN A 228 -21.23 -6.72 -1.56
CA ASN A 228 -22.41 -7.41 -2.05
C ASN A 228 -22.29 -8.87 -1.64
N PRO A 229 -23.21 -9.44 -0.81
CA PRO A 229 -23.10 -10.83 -0.35
C PRO A 229 -22.94 -11.88 -1.44
N ASP A 230 -23.41 -11.56 -2.65
CA ASP A 230 -23.29 -12.49 -3.75
C ASP A 230 -21.85 -12.68 -4.20
N LYS A 231 -20.95 -11.78 -3.78
CA LYS A 231 -19.54 -11.94 -4.13
C LYS A 231 -18.71 -12.36 -2.91
N LEU A 232 -19.37 -12.92 -1.89
CA LEU A 232 -18.63 -13.49 -0.77
C LEU A 232 -18.60 -15.01 -0.86
N GLY A 233 -18.79 -15.68 0.28
CA GLY A 233 -18.69 -17.14 0.37
C GLY A 233 -17.24 -17.59 0.45
N THR A 234 -16.97 -18.91 0.38
CA THR A 234 -15.60 -19.36 0.54
C THR A 234 -14.68 -18.97 -0.63
N GLU A 235 -15.25 -18.65 -1.79
CA GLU A 235 -14.44 -18.30 -2.95
C GLU A 235 -14.38 -16.79 -3.15
N ALA A 236 -14.79 -16.00 -2.15
CA ALA A 236 -14.60 -14.55 -2.24
C ALA A 236 -13.17 -14.22 -2.69
N GLU A 237 -13.00 -13.28 -3.64
CA GLU A 237 -11.64 -12.85 -3.99
C GLU A 237 -10.97 -12.14 -2.82
N LEU A 238 -9.66 -12.35 -2.65
CA LEU A 238 -8.98 -11.71 -1.50
C LEU A 238 -9.00 -10.17 -1.65
N ASN A 239 -8.78 -9.69 -2.88
CA ASN A 239 -8.77 -8.26 -3.12
C ASN A 239 -10.15 -7.66 -2.92
N TYR A 240 -11.20 -8.44 -3.17
CA TYR A 240 -12.57 -7.97 -2.88
C TYR A 240 -12.73 -7.76 -1.36
N LEU A 241 -12.26 -8.74 -0.58
CA LEU A 241 -12.32 -8.62 0.87
C LEU A 241 -11.50 -7.42 1.34
N GLN A 242 -10.33 -7.24 0.73
CA GLN A 242 -9.33 -6.29 1.20
C GLN A 242 -9.70 -4.83 0.92
N HIS A 243 -10.50 -4.61 -0.13
CA HIS A 243 -10.84 -3.27 -0.58
C HIS A 243 -12.35 -3.00 -0.46
N GLY A 244 -13.14 -4.05 -0.27
CA GLY A 244 -14.59 -3.89 -0.31
C GLY A 244 -15.07 -3.51 -1.71
N ASP A 245 -16.29 -2.99 -1.76
CA ASP A 245 -17.01 -2.86 -3.02
C ASP A 245 -17.58 -1.44 -3.09
N PRO A 246 -17.18 -0.60 -4.08
CA PRO A 246 -17.82 0.72 -4.23
C PRO A 246 -19.34 0.60 -4.41
N SER A 247 -19.79 -0.54 -4.95
CA SER A 247 -21.20 -0.83 -5.14
C SER A 247 -21.77 -1.76 -4.07
N GLY A 248 -21.10 -1.88 -2.89
CA GLY A 248 -21.62 -2.81 -1.90
C GLY A 248 -23.05 -2.50 -1.45
N THR A 249 -23.78 -3.55 -1.05
CA THR A 249 -25.19 -3.42 -0.70
C THR A 249 -25.46 -3.63 0.78
N ILE A 250 -24.46 -4.15 1.51
CA ILE A 250 -24.56 -4.26 2.96
C ILE A 250 -23.34 -3.57 3.54
N PHE A 251 -23.55 -2.97 4.72
CA PHE A 251 -22.41 -2.47 5.50
C PHE A 251 -21.67 -3.65 6.10
N SER A 252 -20.34 -3.61 5.94
CA SER A 252 -19.53 -4.77 6.29
C SER A 252 -18.18 -4.27 6.78
N ILE A 253 -17.75 -4.69 7.99
CA ILE A 253 -16.43 -4.30 8.48
C ILE A 253 -15.43 -5.35 8.05
N GLY A 254 -14.37 -4.92 7.36
CA GLY A 254 -13.26 -5.78 6.99
C GLY A 254 -12.25 -5.91 8.15
N GLU A 255 -12.48 -6.89 9.03
CA GLU A 255 -11.69 -6.95 10.27
C GLU A 255 -10.27 -7.43 9.92
N ALA A 256 -9.25 -6.73 10.43
CA ALA A 256 -7.87 -7.02 10.09
C ALA A 256 -7.21 -7.84 11.19
N ASP A 257 -7.23 -9.17 11.06
CA ASP A 257 -6.68 -10.02 12.10
C ASP A 257 -5.22 -10.29 11.83
N VAL A 258 -4.39 -10.34 12.88
CA VAL A 258 -2.98 -10.65 12.63
C VAL A 258 -2.42 -11.11 13.97
N SER A 259 -1.44 -11.99 13.91
CA SER A 259 -0.85 -12.45 15.18
C SER A 259 0.33 -11.55 15.55
N ILE A 260 0.59 -11.43 16.86
CA ILE A 260 1.80 -10.76 17.31
C ILE A 260 3.04 -11.59 16.94
N ARG A 261 2.86 -12.91 16.66
CA ARG A 261 3.97 -13.79 16.33
C ARG A 261 3.79 -14.31 14.91
N PRO A 262 4.78 -15.02 14.33
CA PRO A 262 4.55 -15.71 13.05
C PRO A 262 3.33 -16.63 13.02
N GLY A 263 3.14 -17.39 14.11
CA GLY A 263 2.06 -18.35 14.24
C GLY A 263 0.97 -17.81 15.15
N TRP A 264 -0.21 -18.43 15.07
CA TRP A 264 -1.33 -18.07 15.93
C TRP A 264 -1.17 -18.69 17.32
N PHE A 265 -0.61 -19.91 17.39
CA PHE A 265 -0.36 -20.49 18.71
C PHE A 265 1.03 -20.07 19.20
N TYR A 266 1.26 -20.19 20.52
CA TYR A 266 2.57 -19.97 21.11
C TYR A 266 3.57 -21.06 20.72
N HIS A 267 4.75 -20.62 20.26
CA HIS A 267 5.89 -21.47 19.93
C HIS A 267 7.12 -20.85 20.60
N GLU A 268 7.83 -21.64 21.40
CA GLU A 268 8.95 -21.13 22.18
C GLU A 268 9.99 -20.46 21.28
N ASP A 269 10.20 -20.99 20.08
CA ASP A 269 11.27 -20.50 19.21
C ASP A 269 10.88 -19.22 18.45
N GLN A 270 9.63 -18.78 18.61
CA GLN A 270 9.18 -17.57 17.93
C GLN A 270 9.30 -16.34 18.83
N ASP A 271 9.39 -15.18 18.16
CA ASP A 271 9.48 -13.88 18.82
C ASP A 271 8.34 -12.98 18.36
N PRO A 272 7.83 -12.06 19.20
CA PRO A 272 6.78 -11.14 18.76
C PRO A 272 7.32 -10.05 17.84
N LYS A 273 6.40 -9.47 17.06
CA LYS A 273 6.77 -8.38 16.18
C LYS A 273 7.35 -7.19 16.93
N SER A 274 8.19 -6.42 16.25
CA SER A 274 8.77 -5.19 16.77
C SER A 274 7.70 -4.12 16.94
N LEU A 275 8.02 -3.09 17.76
CA LEU A 275 7.14 -1.94 17.86
C LEU A 275 6.97 -1.33 16.46
N GLU A 276 8.08 -1.21 15.72
CA GLU A 276 8.03 -0.65 14.38
C GLU A 276 7.02 -1.43 13.52
N GLU A 277 7.07 -2.77 13.56
CA GLU A 277 6.12 -3.57 12.79
C GLU A 277 4.66 -3.33 13.22
N LEU A 278 4.38 -3.27 14.53
CA LEU A 278 3.03 -3.05 15.02
C LEU A 278 2.50 -1.68 14.61
N VAL A 279 3.38 -0.67 14.60
CA VAL A 279 3.00 0.68 14.19
C VAL A 279 2.59 0.69 12.72
N GLU A 280 3.36 0.05 11.84
CA GLU A 280 2.94 -0.07 10.42
C GLU A 280 1.55 -0.71 10.32
N ILE A 281 1.35 -1.83 11.02
CA ILE A 281 0.07 -2.53 10.99
C ILE A 281 -1.03 -1.57 11.44
N TYR A 282 -0.78 -0.85 12.55
CA TYR A 282 -1.76 0.08 13.08
C TYR A 282 -2.18 1.10 12.02
N PHE A 283 -1.19 1.67 11.30
CA PHE A 283 -1.52 2.70 10.34
C PHE A 283 -2.26 2.12 9.12
N HIS A 284 -2.11 0.82 8.87
CA HIS A 284 -2.76 0.24 7.70
C HIS A 284 -4.05 -0.50 8.04
N SER A 285 -4.40 -0.50 9.34
CA SER A 285 -5.64 -1.11 9.76
C SER A 285 -6.53 -0.03 10.38
N VAL A 286 -6.30 0.33 11.65
CA VAL A 286 -7.06 1.39 12.30
C VAL A 286 -6.90 2.67 11.50
N GLY A 287 -5.72 2.89 10.91
CA GLY A 287 -5.50 4.16 10.20
C GLY A 287 -6.11 4.12 8.79
N ARG A 288 -6.72 2.98 8.43
CA ARG A 288 -7.49 2.91 7.18
C ARG A 288 -8.98 2.68 7.44
N GLY A 289 -9.38 2.84 8.69
CA GLY A 289 -10.79 2.90 9.05
C GLY A 289 -11.35 1.53 9.44
N THR A 290 -10.51 0.58 9.81
CA THR A 290 -11.04 -0.72 10.18
C THR A 290 -10.40 -1.20 11.49
N PRO A 291 -11.06 -2.05 12.30
CA PRO A 291 -10.40 -2.52 13.53
C PRO A 291 -9.26 -3.50 13.32
N LEU A 292 -8.31 -3.42 14.28
CA LEU A 292 -7.19 -4.35 14.38
C LEU A 292 -7.55 -5.39 15.44
N LEU A 293 -7.47 -6.67 15.07
CA LEU A 293 -7.67 -7.83 15.93
C LEU A 293 -6.33 -8.52 16.06
N LEU A 294 -5.65 -8.28 17.18
CA LEU A 294 -4.27 -8.72 17.34
C LEU A 294 -4.25 -9.95 18.26
N ASN A 295 -3.69 -11.04 17.75
CA ASN A 295 -3.62 -12.30 18.48
C ASN A 295 -2.39 -12.31 19.40
N ILE A 296 -2.64 -12.61 20.68
CA ILE A 296 -1.59 -12.84 21.68
C ILE A 296 -1.78 -14.26 22.22
N PRO A 297 -0.88 -15.22 21.91
CA PRO A 297 -1.09 -16.62 22.34
C PRO A 297 -0.46 -16.93 23.70
N PRO A 298 -1.24 -17.38 24.70
CA PRO A 298 -0.64 -17.83 25.97
C PRO A 298 0.25 -19.06 25.75
N ASN A 299 1.26 -19.19 26.63
CA ASN A 299 2.25 -20.26 26.55
C ASN A 299 1.71 -21.54 27.24
N GLN A 300 2.58 -22.56 27.35
N GLN A 300 2.57 -22.57 27.31
CA GLN A 300 2.19 -23.86 27.90
CA GLN A 300 2.19 -23.85 27.90
C GLN A 300 1.98 -23.79 29.42
C GLN A 300 1.76 -23.69 29.37
N ALA A 301 2.30 -22.67 30.05
CA ALA A 301 1.98 -22.45 31.46
C ALA A 301 0.60 -21.79 31.57
N GLY A 302 0.06 -21.34 30.43
CA GLY A 302 -1.17 -20.59 30.54
C GLY A 302 -1.00 -19.08 30.81
N LEU A 303 0.16 -18.54 30.41
CA LEU A 303 0.52 -17.14 30.67
C LEU A 303 0.93 -16.49 29.35
N PHE A 304 0.74 -15.17 29.27
CA PHE A 304 1.28 -14.43 28.13
C PHE A 304 2.80 -14.39 28.25
N ASP A 305 3.47 -14.46 27.09
CA ASP A 305 4.92 -14.36 27.05
C ASP A 305 5.40 -12.97 27.50
N ALA A 306 6.50 -12.97 28.27
CA ALA A 306 7.01 -11.73 28.86
C ALA A 306 7.32 -10.67 27.80
N LYS A 307 7.94 -11.10 26.69
N LYS A 307 7.90 -11.09 26.68
CA LYS A 307 8.29 -10.21 25.59
CA LYS A 307 8.29 -10.15 25.65
C LYS A 307 7.01 -9.63 25.02
C LYS A 307 7.05 -9.65 24.91
N ASP A 308 6.02 -10.50 24.81
CA ASP A 308 4.76 -10.05 24.18
C ASP A 308 4.08 -8.97 25.02
N ILE A 309 4.11 -9.16 26.35
CA ILE A 309 3.53 -8.20 27.26
C ILE A 309 4.25 -6.85 27.13
N GLU A 310 5.59 -6.86 27.14
CA GLU A 310 6.38 -5.65 26.98
C GLU A 310 5.96 -4.92 25.71
N ARG A 311 5.80 -5.68 24.63
CA ARG A 311 5.45 -5.11 23.35
C ARG A 311 4.09 -4.41 23.40
N LEU A 312 3.09 -5.02 24.10
CA LEU A 312 1.76 -4.41 24.15
C LEU A 312 1.79 -3.08 24.90
N TYR A 313 2.54 -3.02 26.00
CA TYR A 313 2.72 -1.75 26.68
C TYR A 313 3.44 -0.74 25.80
N GLU A 314 4.47 -1.16 25.04
CA GLU A 314 5.18 -0.17 24.24
C GLU A 314 4.25 0.34 23.14
N PHE A 315 3.46 -0.57 22.57
CA PHE A 315 2.49 -0.20 21.53
C PHE A 315 1.44 0.76 22.10
N ALA A 316 1.00 0.52 23.35
CA ALA A 316 0.03 1.40 23.97
C ALA A 316 0.63 2.79 24.22
N THR A 317 1.90 2.83 24.68
CA THR A 317 2.56 4.09 24.93
C THR A 317 2.66 4.90 23.63
N TYR A 318 3.05 4.20 22.56
CA TYR A 318 3.15 4.84 21.25
C TYR A 318 1.85 5.57 20.89
N ARG A 319 0.71 4.87 20.98
CA ARG A 319 -0.54 5.46 20.55
C ARG A 319 -0.93 6.62 21.45
N ASN A 320 -0.73 6.47 22.77
CA ASN A 320 -1.07 7.56 23.68
C ASN A 320 -0.27 8.83 23.32
N GLU A 321 1.00 8.68 22.89
CA GLU A 321 1.85 9.82 22.58
C GLU A 321 1.47 10.45 21.24
N LEU A 322 1.22 9.61 20.24
CA LEU A 322 0.74 10.07 18.94
C LEU A 322 -0.43 11.05 19.12
N TYR A 323 -1.43 10.66 19.92
CA TYR A 323 -2.68 11.40 20.00
C TYR A 323 -2.66 12.51 21.05
N LYS A 324 -1.52 12.72 21.74
CA LYS A 324 -1.53 13.59 22.91
C LYS A 324 -1.95 15.02 22.56
N GLU A 325 -1.54 15.50 21.38
CA GLU A 325 -1.95 16.83 20.98
C GLU A 325 -2.42 16.88 19.52
N ASP A 326 -3.68 17.31 19.35
CA ASP A 326 -4.23 17.59 18.02
C ASP A 326 -3.83 19.02 17.63
N LEU A 327 -2.87 19.15 16.71
CA LEU A 327 -2.29 20.43 16.34
C LEU A 327 -3.26 21.29 15.53
N ALA A 328 -4.34 20.67 15.06
CA ALA A 328 -5.32 21.35 14.23
C ALA A 328 -6.41 22.02 15.07
N LEU A 329 -6.50 21.71 16.38
CA LEU A 329 -7.59 22.26 17.17
C LEU A 329 -7.58 23.79 17.09
N GLY A 330 -8.75 24.33 16.76
CA GLY A 330 -8.98 25.76 16.67
C GLY A 330 -8.44 26.43 15.40
N ALA A 331 -7.89 25.66 14.44
CA ALA A 331 -7.41 26.24 13.19
C ALA A 331 -8.59 26.86 12.42
N GLU A 332 -8.32 27.97 11.73
CA GLU A 332 -9.34 28.58 10.90
C GLU A 332 -9.46 27.77 9.61
N VAL A 333 -10.69 27.45 9.23
CA VAL A 333 -10.91 26.58 8.09
C VAL A 333 -11.72 27.37 7.07
N SER A 334 -11.26 27.36 5.83
CA SER A 334 -12.06 28.03 4.83
C SER A 334 -12.35 27.06 3.70
N GLY A 335 -13.43 27.37 2.99
CA GLY A 335 -13.89 26.59 1.85
C GLY A 335 -15.42 26.60 1.78
N PRO A 336 -16.01 25.83 0.84
CA PRO A 336 -17.46 25.83 0.69
C PRO A 336 -18.10 25.05 1.82
N ALA A 337 -19.34 25.41 2.16
CA ALA A 337 -20.04 24.70 3.22
C ALA A 337 -21.54 24.80 2.96
N LEU A 338 -22.25 23.70 3.25
CA LEU A 338 -23.64 23.56 2.87
C LEU A 338 -24.47 24.64 3.56
N SER A 339 -24.15 24.92 4.84
CA SER A 339 -24.93 25.84 5.67
C SER A 339 -24.20 26.07 6.97
N ALA A 340 -24.75 26.94 7.83
CA ALA A 340 -24.09 27.20 9.10
C ALA A 340 -24.06 25.96 9.98
N ASP A 341 -25.10 25.11 9.85
CA ASP A 341 -25.18 23.90 10.66
C ASP A 341 -24.09 22.91 10.25
N PHE A 342 -23.58 23.07 9.03
CA PHE A 342 -22.53 22.21 8.48
C PHE A 342 -21.26 23.02 8.16
N ALA A 343 -20.91 23.99 9.00
CA ALA A 343 -19.88 24.97 8.67
C ALA A 343 -18.48 24.35 8.76
N CYS A 344 -17.50 24.95 8.06
CA CYS A 344 -16.13 24.49 8.03
C CYS A 344 -15.51 24.48 9.43
N ARG A 345 -15.89 25.46 10.28
CA ARG A 345 -15.24 25.57 11.58
C ARG A 345 -15.53 24.35 12.45
N HIS A 346 -16.55 23.57 12.07
CA HIS A 346 -16.91 22.35 12.78
C HIS A 346 -15.79 21.31 12.73
N LEU A 347 -14.84 21.42 11.79
CA LEU A 347 -13.84 20.39 11.59
C LEU A 347 -12.75 20.47 12.66
N THR A 348 -12.62 21.63 13.34
CA THR A 348 -11.53 21.80 14.29
C THR A 348 -12.01 22.41 15.61
N ASP A 349 -13.32 22.31 15.89
CA ASP A 349 -13.86 22.96 17.08
C ASP A 349 -13.78 22.08 18.32
N GLY A 350 -13.33 20.83 18.16
CA GLY A 350 -13.20 19.90 19.28
C GLY A 350 -14.53 19.30 19.76
N LEU A 351 -15.63 19.57 19.06
CA LEU A 351 -16.95 19.07 19.43
C LEU A 351 -17.34 17.89 18.54
N GLU A 352 -17.66 16.75 19.17
CA GLU A 352 -18.09 15.55 18.47
C GLU A 352 -19.46 15.75 17.80
N THR A 353 -20.21 16.77 18.26
CA THR A 353 -21.59 16.98 17.83
C THR A 353 -21.68 17.81 16.55
N SER A 354 -20.56 18.39 16.10
CA SER A 354 -20.62 19.27 14.94
C SER A 354 -19.81 18.71 13.78
N SER A 355 -20.36 18.78 12.57
CA SER A 355 -19.66 18.28 11.39
C SER A 355 -19.80 19.28 10.24
N TRP A 356 -19.02 19.06 9.17
CA TRP A 356 -19.01 19.88 7.97
C TRP A 356 -19.55 19.06 6.81
N ALA A 357 -20.18 19.75 5.84
CA ALA A 357 -20.60 19.14 4.59
C ALA A 357 -20.64 20.21 3.50
N SER A 358 -20.62 19.78 2.23
CA SER A 358 -20.76 20.71 1.13
C SER A 358 -21.37 20.02 -0.09
N ASP A 359 -22.31 20.71 -0.72
CA ASP A 359 -22.92 20.26 -1.97
C ASP A 359 -22.28 20.95 -3.17
N ALA A 360 -21.11 21.58 -2.97
CA ALA A 360 -20.37 22.24 -4.04
C ALA A 360 -19.77 21.25 -5.04
N ASP A 361 -19.60 21.71 -6.28
CA ASP A 361 -18.97 20.90 -7.31
C ASP A 361 -17.55 20.52 -6.88
N LEU A 362 -17.17 19.25 -7.11
CA LEU A 362 -15.80 18.85 -6.88
C LEU A 362 -14.88 19.44 -7.96
N PRO A 363 -13.59 19.67 -7.67
CA PRO A 363 -13.00 19.38 -6.36
C PRO A 363 -13.39 20.40 -5.30
N ILE A 364 -13.47 19.92 -4.05
CA ILE A 364 -13.76 20.76 -2.91
C ILE A 364 -12.46 20.92 -2.15
N GLN A 365 -12.08 22.18 -1.91
CA GLN A 365 -10.82 22.50 -1.27
C GLN A 365 -11.11 23.10 0.10
N LEU A 366 -10.65 22.41 1.15
CA LEU A 366 -10.69 23.00 2.49
C LEU A 366 -9.27 23.44 2.82
N GLU A 367 -9.13 24.64 3.41
CA GLU A 367 -7.79 25.08 3.77
C GLU A 367 -7.78 25.39 5.27
N LEU A 368 -6.80 24.87 6.00
CA LEU A 368 -6.64 25.17 7.41
C LEU A 368 -5.52 26.18 7.56
N ASP A 369 -5.73 27.17 8.43
CA ASP A 369 -4.62 28.04 8.84
C ASP A 369 -4.46 27.86 10.35
N LEU A 370 -3.31 27.28 10.74
CA LEU A 370 -3.06 26.93 12.13
C LEU A 370 -2.73 28.16 12.97
N GLY A 371 -2.64 29.34 12.33
CA GLY A 371 -2.33 30.56 13.05
C GLY A 371 -0.83 30.78 13.28
N SER A 372 -0.07 29.70 13.38
CA SER A 372 1.38 29.77 13.48
C SER A 372 1.96 28.47 12.90
N PRO A 373 3.26 28.43 12.54
CA PRO A 373 3.89 27.19 12.06
C PRO A 373 3.95 26.10 13.13
N LYS A 374 3.59 24.88 12.72
CA LYS A 374 3.60 23.72 13.60
C LYS A 374 4.23 22.55 12.84
N THR A 375 4.72 21.56 13.60
CA THR A 375 5.44 20.45 13.03
C THR A 375 4.59 19.19 13.13
N PHE A 376 4.31 18.58 11.98
CA PHE A 376 3.44 17.41 12.00
C PHE A 376 3.83 16.44 10.89
N ASP A 377 3.32 15.19 10.98
CA ASP A 377 3.56 14.19 9.96
C ASP A 377 2.37 13.24 9.82
N VAL A 378 1.22 13.59 10.43
CA VAL A 378 0.00 12.79 10.31
C VAL A 378 -1.21 13.71 10.17
N ILE A 379 -2.10 13.43 9.20
CA ILE A 379 -3.41 14.03 9.18
C ILE A 379 -4.47 12.96 9.48
N GLU A 380 -5.52 13.34 10.20
CA GLU A 380 -6.64 12.44 10.44
C GLU A 380 -7.90 13.08 9.84
N LEU A 381 -8.64 12.30 9.04
CA LEU A 381 -9.94 12.73 8.54
C LEU A 381 -10.99 11.71 8.97
N ARG A 382 -12.23 12.16 9.20
CA ARG A 382 -13.29 11.20 9.49
C ARG A 382 -14.56 11.59 8.75
N GLU A 383 -15.28 10.59 8.21
CA GLU A 383 -16.61 10.77 7.64
C GLU A 383 -17.68 10.57 8.72
N ASP A 384 -18.95 10.80 8.34
CA ASP A 384 -20.05 10.53 9.27
C ASP A 384 -20.81 9.30 8.79
N LEU A 385 -20.38 8.14 9.26
CA LEU A 385 -20.88 6.94 8.61
C LEU A 385 -22.34 6.66 9.00
N LYS A 386 -22.88 7.37 10.01
CA LYS A 386 -24.33 7.36 10.19
C LYS A 386 -25.07 7.76 8.92
N LEU A 387 -24.40 8.55 8.06
CA LEU A 387 -24.99 9.01 6.81
C LEU A 387 -24.39 8.30 5.59
N GLY A 388 -23.55 7.30 5.83
CA GLY A 388 -22.98 6.45 4.79
C GLY A 388 -21.59 6.91 4.34
N GLN A 389 -20.81 5.95 3.85
CA GLN A 389 -19.47 6.20 3.35
C GLN A 389 -19.55 6.78 1.94
N ARG A 390 -18.75 7.82 1.61
CA ARG A 390 -18.96 8.58 0.37
C ARG A 390 -17.67 8.88 -0.39
N ILE A 391 -16.60 9.32 0.29
CA ILE A 391 -15.40 9.83 -0.36
C ILE A 391 -14.62 8.72 -1.05
N ALA A 392 -14.27 8.93 -2.33
CA ALA A 392 -13.57 7.94 -3.13
C ALA A 392 -12.16 8.40 -3.50
N ALA A 393 -11.85 9.71 -3.41
CA ALA A 393 -10.49 10.20 -3.67
C ALA A 393 -10.27 11.57 -3.02
N PHE A 394 -9.07 11.76 -2.46
CA PHE A 394 -8.69 13.01 -1.83
C PHE A 394 -7.16 13.16 -1.81
N HIS A 395 -6.69 14.41 -1.69
CA HIS A 395 -5.26 14.60 -1.46
C HIS A 395 -5.07 15.78 -0.50
N VAL A 396 -3.85 15.86 0.04
CA VAL A 396 -3.51 16.82 1.08
C VAL A 396 -2.24 17.55 0.66
N GLN A 397 -2.23 18.89 0.84
CA GLN A 397 -1.05 19.68 0.52
C GLN A 397 -0.67 20.56 1.71
N VAL A 398 0.59 21.03 1.71
CA VAL A 398 1.05 21.95 2.76
C VAL A 398 1.80 23.09 2.07
N GLU A 399 1.66 24.32 2.58
CA GLU A 399 2.34 25.43 1.93
C GLU A 399 3.74 25.60 2.53
N VAL A 400 4.76 25.61 1.65
CA VAL A 400 6.15 25.71 2.08
C VAL A 400 6.78 26.81 1.21
N ASP A 401 7.19 27.93 1.83
CA ASP A 401 7.80 29.05 1.11
C ASP A 401 6.95 29.43 -0.10
N GLY A 402 5.63 29.49 0.08
CA GLY A 402 4.71 29.97 -0.94
C GLY A 402 4.38 28.97 -2.05
N VAL A 403 4.86 27.72 -1.92
CA VAL A 403 4.49 26.68 -2.87
C VAL A 403 3.63 25.62 -2.18
N TRP A 404 2.51 25.28 -2.81
CA TRP A 404 1.67 24.21 -2.28
C TRP A 404 2.25 22.86 -2.69
N GLN A 405 2.95 22.19 -1.76
N GLN A 405 2.87 22.16 -1.72
CA GLN A 405 3.58 20.92 -2.09
CA GLN A 405 3.62 20.93 -1.96
C GLN A 405 2.66 19.79 -1.65
C GLN A 405 2.82 19.74 -1.46
N GLU A 406 2.98 18.58 -2.12
CA GLU A 406 2.19 17.43 -1.73
C GLU A 406 2.58 16.94 -0.32
N PHE A 407 1.54 16.58 0.44
CA PHE A 407 1.70 15.88 1.71
C PHE A 407 1.36 14.39 1.55
N GLY A 408 0.20 14.07 0.95
CA GLY A 408 -0.10 12.67 0.66
C GLY A 408 -1.44 12.62 -0.07
N SER A 409 -1.84 11.40 -0.48
CA SER A 409 -3.12 11.25 -1.14
C SER A 409 -3.70 9.90 -0.74
N GLY A 410 -5.00 9.73 -1.05
CA GLY A 410 -5.63 8.43 -0.83
C GLY A 410 -6.92 8.28 -1.62
N HIS A 411 -7.62 7.17 -1.36
CA HIS A 411 -8.90 6.90 -1.95
C HIS A 411 -9.96 7.24 -0.90
N THR A 412 -10.19 6.32 0.04
CA THR A 412 -11.29 6.41 0.98
C THR A 412 -10.90 7.13 2.27
N VAL A 413 -11.93 7.56 3.02
CA VAL A 413 -11.72 8.07 4.38
C VAL A 413 -12.33 7.06 5.35
N GLY A 414 -13.65 6.91 5.26
CA GLY A 414 -14.37 5.97 6.12
C GLY A 414 -14.48 6.51 7.55
N TYR A 415 -14.59 5.60 8.52
CA TYR A 415 -14.77 5.99 9.91
C TYR A 415 -13.63 6.91 10.38
N LYS A 416 -12.41 6.54 9.98
CA LYS A 416 -11.22 7.26 10.39
C LYS A 416 -10.08 6.89 9.46
N ARG A 417 -9.43 7.94 8.96
CA ARG A 417 -8.30 7.73 8.09
C ARG A 417 -7.13 8.53 8.65
N LEU A 418 -6.04 7.82 8.95
CA LEU A 418 -4.77 8.46 9.27
C LEU A 418 -3.97 8.43 7.98
N LEU A 419 -3.40 9.58 7.63
CA LEU A 419 -2.49 9.58 6.50
C LEU A 419 -1.16 10.21 6.91
N ARG A 420 -0.08 9.44 6.83
CA ARG A 420 1.25 9.94 7.15
C ARG A 420 1.87 10.64 5.95
N GLY A 421 2.68 11.69 6.25
CA GLY A 421 3.56 12.30 5.27
C GLY A 421 4.94 12.57 5.86
N ALA A 422 5.85 13.18 5.09
CA ALA A 422 7.14 13.51 5.66
C ALA A 422 6.95 14.61 6.70
N VAL A 423 7.76 14.63 7.78
CA VAL A 423 7.64 15.66 8.79
C VAL A 423 7.84 17.03 8.14
N VAL A 424 6.94 17.97 8.46
CA VAL A 424 6.98 19.34 7.93
C VAL A 424 6.60 20.34 9.03
N GLU A 425 7.13 21.56 8.87
CA GLU A 425 6.68 22.72 9.62
C GLU A 425 5.93 23.64 8.67
N ALA A 426 4.65 23.87 9.00
CA ALA A 426 3.75 24.57 8.12
C ALA A 426 2.64 25.19 8.96
N GLN A 427 2.03 26.23 8.40
CA GLN A 427 0.90 26.90 9.01
C GLN A 427 -0.37 26.64 8.21
N LYS A 428 -0.21 26.38 6.90
CA LYS A 428 -1.37 26.27 6.02
C LYS A 428 -1.38 24.92 5.31
N ILE A 429 -2.57 24.26 5.35
CA ILE A 429 -2.78 22.90 4.84
C ILE A 429 -4.04 22.91 3.98
N ARG A 430 -4.03 22.17 2.86
CA ARG A 430 -5.24 21.99 2.08
C ARG A 430 -5.61 20.52 2.04
N VAL A 431 -6.91 20.25 2.21
CA VAL A 431 -7.50 18.93 2.00
C VAL A 431 -8.43 19.08 0.81
N VAL A 432 -8.18 18.29 -0.25
CA VAL A 432 -8.93 18.43 -1.48
C VAL A 432 -9.65 17.12 -1.76
N ILE A 433 -11.00 17.15 -1.81
CA ILE A 433 -11.83 16.00 -2.12
C ILE A 433 -12.12 16.04 -3.61
N THR A 434 -11.65 15.02 -4.35
CA THR A 434 -11.75 15.04 -5.81
C THR A 434 -12.79 14.04 -6.38
N GLU A 435 -13.20 13.02 -5.60
N GLU A 435 -13.22 13.04 -5.59
CA GLU A 435 -14.22 12.09 -6.04
CA GLU A 435 -14.25 12.13 -6.06
C GLU A 435 -15.05 11.66 -4.84
C GLU A 435 -15.05 11.65 -4.86
N SER A 436 -16.38 11.65 -5.00
CA SER A 436 -17.25 11.24 -3.93
C SER A 436 -18.56 10.67 -4.48
N GLN A 437 -19.09 9.61 -3.81
CA GLN A 437 -20.35 9.01 -4.27
C GLN A 437 -21.56 9.87 -3.91
N ALA A 438 -21.38 10.81 -2.98
CA ALA A 438 -22.46 11.71 -2.57
C ALA A 438 -21.83 12.95 -1.94
N LEU A 439 -22.66 13.96 -1.66
CA LEU A 439 -22.08 15.21 -1.15
C LEU A 439 -21.26 14.87 0.09
N PRO A 440 -20.01 15.32 0.16
CA PRO A 440 -19.12 14.91 1.26
C PRO A 440 -19.44 15.53 2.60
N LEU A 441 -19.21 14.74 3.64
CA LEU A 441 -19.24 15.18 5.02
C LEU A 441 -17.93 14.75 5.69
N LEU A 442 -17.42 15.63 6.54
CA LEU A 442 -16.38 15.22 7.46
C LEU A 442 -16.75 15.72 8.85
N THR A 443 -16.35 14.97 9.87
CA THR A 443 -16.67 15.34 11.23
C THR A 443 -15.47 15.97 11.93
N LYS A 444 -14.27 15.79 11.36
CA LYS A 444 -13.07 16.26 12.03
C LYS A 444 -11.87 16.24 11.07
N ILE A 445 -11.01 17.27 11.19
CA ILE A 445 -9.65 17.17 10.70
C ILE A 445 -8.71 17.36 11.88
N SER A 446 -7.74 16.45 12.04
CA SER A 446 -6.76 16.51 13.12
C SER A 446 -5.34 16.41 12.54
N LEU A 447 -4.33 16.89 13.30
CA LEU A 447 -2.97 16.79 12.82
C LEU A 447 -2.12 16.34 14.00
N TYR A 448 -1.18 15.43 13.76
CA TYR A 448 -0.35 14.95 14.86
C TYR A 448 1.09 14.84 14.44
N LYS A 449 1.96 14.76 15.45
CA LYS A 449 3.34 14.36 15.23
C LYS A 449 3.58 13.01 15.90
N THR A 450 4.04 12.05 15.11
CA THR A 450 4.41 10.72 15.59
C THR A 450 5.51 10.87 16.65
N PRO A 451 5.39 10.14 17.79
N PRO A 451 5.55 9.98 17.67
CA PRO A 451 6.42 10.19 18.83
CA PRO A 451 6.67 10.01 18.62
C PRO A 451 7.65 9.34 18.50
C PRO A 451 7.95 9.68 17.84
N LYS B 3 -2.00 -20.39 -31.56
CA LYS B 3 -1.14 -19.17 -31.42
C LYS B 3 -1.85 -18.18 -30.50
N ILE B 4 -1.17 -17.77 -29.42
CA ILE B 4 -1.76 -16.84 -28.44
C ILE B 4 -1.89 -15.46 -29.07
N LYS B 5 -3.10 -14.91 -29.04
CA LYS B 5 -3.36 -13.58 -29.56
C LYS B 5 -2.96 -12.56 -28.50
N PRO B 6 -2.48 -11.36 -28.92
CA PRO B 6 -2.21 -10.28 -27.97
C PRO B 6 -3.48 -9.80 -27.30
N HIS B 7 -3.28 -9.15 -26.14
CA HIS B 7 -4.37 -8.57 -25.37
C HIS B 7 -4.01 -7.15 -25.00
N GLY B 8 -4.97 -6.23 -25.27
CA GLY B 8 -4.82 -4.85 -24.84
C GLY B 8 -3.78 -4.08 -25.64
N PRO B 9 -3.44 -2.84 -25.23
CA PRO B 9 -2.44 -2.03 -25.93
C PRO B 9 -1.04 -2.57 -25.68
N LEU B 10 -0.26 -2.64 -26.75
CA LEU B 10 1.08 -3.22 -26.64
C LEU B 10 2.16 -2.16 -26.52
N PRO B 11 3.20 -2.39 -25.68
CA PRO B 11 4.28 -1.42 -25.52
C PRO B 11 5.13 -1.35 -26.76
N SER B 12 5.66 -0.15 -27.02
CA SER B 12 6.67 0.05 -28.04
C SER B 12 8.01 -0.52 -27.60
N GLN B 13 8.95 -0.61 -28.55
CA GLN B 13 10.31 -1.01 -28.21
C GLN B 13 10.95 -0.06 -27.20
N THR B 14 10.77 1.26 -27.37
N THR B 14 10.67 1.23 -27.35
CA THR B 14 11.39 2.19 -26.42
CA THR B 14 11.33 2.20 -26.49
C THR B 14 10.77 2.02 -25.04
C THR B 14 10.75 2.16 -25.08
N GLN B 15 9.46 1.83 -24.98
CA GLN B 15 8.83 1.65 -23.66
C GLN B 15 9.41 0.39 -23.00
N LEU B 16 9.55 -0.69 -23.77
CA LEU B 16 10.10 -1.92 -23.21
C LEU B 16 11.54 -1.74 -22.74
N ALA B 17 12.33 -0.95 -23.47
CA ALA B 17 13.73 -0.77 -23.08
C ALA B 17 13.80 -0.04 -21.74
N TYR B 18 12.91 0.94 -21.53
CA TYR B 18 12.89 1.68 -20.27
C TYR B 18 12.50 0.71 -19.16
N LEU B 19 11.47 -0.10 -19.39
CA LEU B 19 11.03 -1.02 -18.35
C LEU B 19 12.18 -1.96 -17.96
N GLY B 20 12.92 -2.45 -18.96
CA GLY B 20 14.11 -3.27 -18.72
C GLY B 20 15.22 -2.57 -17.93
N ASP B 21 15.39 -1.27 -18.19
CA ASP B 21 16.51 -0.53 -17.61
C ASP B 21 16.25 -0.21 -16.14
N GLU B 22 14.99 0.04 -15.78
CA GLU B 22 14.52 0.13 -14.39
C GLU B 22 14.88 1.43 -13.67
N LEU B 23 16.13 1.91 -13.79
CA LEU B 23 16.59 3.01 -12.96
C LEU B 23 17.05 4.18 -13.82
N ALA B 24 16.54 5.37 -13.49
CA ALA B 24 16.92 6.62 -14.13
C ALA B 24 17.25 7.65 -13.05
N ALA B 25 18.15 8.59 -13.39
CA ALA B 25 18.51 9.66 -12.48
C ALA B 25 17.96 11.00 -13.00
N PHE B 26 17.55 11.85 -12.07
CA PHE B 26 17.11 13.21 -12.32
C PHE B 26 18.16 14.15 -11.75
N ILE B 27 18.43 15.24 -12.48
CA ILE B 27 19.29 16.29 -11.94
C ILE B 27 18.58 17.63 -12.00
N HIS B 28 18.22 18.19 -10.85
CA HIS B 28 17.74 19.56 -10.71
C HIS B 28 18.88 20.41 -10.15
N PHE B 29 19.30 21.38 -10.97
CA PHE B 29 20.38 22.27 -10.61
C PHE B 29 20.10 23.59 -11.31
N GLY B 30 20.31 24.70 -10.62
CA GLY B 30 20.14 25.99 -11.29
C GLY B 30 20.22 27.15 -10.29
N PRO B 31 19.69 28.34 -10.68
CA PRO B 31 19.54 29.46 -9.75
C PRO B 31 18.92 29.08 -8.40
N ASN B 32 17.95 28.16 -8.39
CA ASN B 32 17.31 27.82 -7.13
C ASN B 32 18.32 27.25 -6.13
N THR B 33 19.35 26.52 -6.58
CA THR B 33 20.41 25.96 -5.75
C THR B 33 21.12 27.08 -4.98
N PHE B 34 21.27 28.25 -5.62
CA PHE B 34 21.99 29.37 -5.03
C PHE B 34 21.08 30.27 -4.20
N TYR B 35 19.76 30.22 -4.49
CA TYR B 35 18.76 30.98 -3.76
C TYR B 35 18.09 30.16 -2.66
N ASP B 36 18.52 28.90 -2.49
CA ASP B 36 18.00 28.01 -1.45
C ASP B 36 16.48 28.02 -1.49
N GLN B 37 15.92 27.64 -2.65
CA GLN B 37 14.48 27.64 -2.83
C GLN B 37 14.13 26.48 -3.77
N GLU B 38 12.82 26.18 -3.89
CA GLU B 38 12.36 25.09 -4.72
C GLU B 38 11.78 25.61 -6.03
N TRP B 39 11.17 26.80 -5.99
CA TRP B 39 10.66 27.46 -7.19
C TRP B 39 11.28 28.86 -7.25
N GLY B 40 11.56 29.34 -8.46
CA GLY B 40 12.07 30.70 -8.61
C GLY B 40 11.10 31.54 -9.43
N THR B 41 11.40 32.85 -9.56
CA THR B 41 10.41 33.78 -10.09
C THR B 41 10.84 34.29 -11.45
N GLY B 42 12.10 34.04 -11.84
CA GLY B 42 12.62 34.64 -13.06
C GLY B 42 13.27 36.00 -12.79
N GLN B 43 13.23 36.43 -11.52
CA GLN B 43 13.95 37.64 -11.11
C GLN B 43 15.33 37.31 -10.55
N GLU B 44 15.71 36.02 -10.51
CA GLU B 44 16.99 35.68 -9.91
C GLU B 44 18.10 36.38 -10.68
N ASP B 45 19.16 36.76 -9.97
CA ASP B 45 20.29 37.42 -10.61
C ASP B 45 21.26 36.38 -11.18
N PRO B 46 21.49 36.34 -12.51
CA PRO B 46 22.43 35.38 -13.10
C PRO B 46 23.86 35.46 -12.58
N GLU B 47 24.21 36.59 -11.92
CA GLU B 47 25.53 36.72 -11.29
C GLU B 47 25.71 35.68 -10.20
N ARG B 48 24.59 35.31 -9.54
CA ARG B 48 24.65 34.38 -8.41
C ARG B 48 24.82 32.95 -8.92
N PHE B 49 24.61 32.72 -10.22
CA PHE B 49 24.82 31.39 -10.75
C PHE B 49 26.30 31.19 -11.05
N ASN B 50 27.00 30.59 -10.09
CA ASN B 50 28.44 30.57 -10.12
C ASN B 50 29.01 29.36 -9.37
N PRO B 51 28.74 28.10 -9.82
CA PRO B 51 29.30 26.93 -9.13
C PRO B 51 30.83 26.95 -9.20
N SER B 52 31.47 26.73 -8.05
CA SER B 52 32.91 26.92 -7.90
C SER B 52 33.71 25.84 -8.62
N GLN B 53 33.16 24.63 -8.76
CA GLN B 53 33.98 23.53 -9.24
C GLN B 53 33.13 22.42 -9.85
N LEU B 54 32.11 22.83 -10.63
CA LEU B 54 31.19 21.88 -11.23
C LEU B 54 31.97 20.83 -12.02
N ASP B 55 31.59 19.54 -11.86
CA ASP B 55 32.26 18.49 -12.61
C ASP B 55 31.24 17.46 -13.07
N ALA B 56 30.68 17.67 -14.29
CA ALA B 56 29.63 16.80 -14.79
C ALA B 56 30.14 15.37 -14.98
N ARG B 57 31.46 15.21 -15.22
CA ARG B 57 31.97 13.87 -15.45
C ARG B 57 31.81 13.03 -14.19
N GLU B 58 32.04 13.66 -13.02
CA GLU B 58 31.89 13.00 -11.74
C GLU B 58 30.42 12.66 -11.47
N TRP B 59 29.51 13.54 -11.88
CA TRP B 59 28.10 13.21 -11.79
C TRP B 59 27.81 11.92 -12.55
N VAL B 60 28.24 11.84 -13.81
CA VAL B 60 27.93 10.73 -14.70
C VAL B 60 28.66 9.47 -14.24
N ARG B 61 29.92 9.64 -13.79
CA ARG B 61 30.69 8.50 -13.32
C ARG B 61 29.96 7.80 -12.18
N VAL B 62 29.55 8.57 -11.15
CA VAL B 62 28.89 7.99 -9.99
C VAL B 62 27.54 7.37 -10.40
N LEU B 63 26.79 8.06 -11.26
CA LEU B 63 25.49 7.52 -11.65
C LEU B 63 25.65 6.21 -12.43
N LYS B 64 26.67 6.14 -13.31
CA LYS B 64 26.97 4.93 -14.06
C LYS B 64 27.36 3.80 -13.10
N GLU B 65 28.25 4.08 -12.15
CA GLU B 65 28.78 3.04 -11.28
C GLU B 65 27.72 2.58 -10.29
N THR B 66 26.65 3.36 -10.10
CA THR B 66 25.62 2.99 -9.14
C THR B 66 24.34 2.51 -9.82
N GLY B 67 24.42 2.22 -11.13
CA GLY B 67 23.43 1.40 -11.81
C GLY B 67 22.37 2.19 -12.57
N PHE B 68 22.52 3.52 -12.65
CA PHE B 68 21.56 4.34 -13.38
C PHE B 68 21.79 4.17 -14.89
N LYS B 69 20.69 4.08 -15.66
CA LYS B 69 20.74 3.79 -17.09
C LYS B 69 20.27 4.99 -17.91
N LYS B 70 19.88 6.07 -17.23
CA LYS B 70 19.46 7.28 -17.92
C LYS B 70 19.64 8.47 -16.97
N LEU B 71 19.99 9.64 -17.53
CA LEU B 71 20.19 10.85 -16.75
C LEU B 71 19.30 11.94 -17.37
N ILE B 72 18.28 12.37 -16.63
CA ILE B 72 17.40 13.43 -17.13
C ILE B 72 17.81 14.75 -16.50
N LEU B 73 18.26 15.69 -17.36
CA LEU B 73 18.84 16.94 -16.89
C LEU B 73 17.82 18.06 -17.06
N VAL B 74 17.63 18.84 -15.98
CA VAL B 74 16.86 20.08 -16.06
C VAL B 74 17.71 21.12 -16.80
N VAL B 75 17.23 21.64 -17.94
CA VAL B 75 17.98 22.72 -18.59
C VAL B 75 17.23 24.05 -18.49
N LYS B 76 15.97 24.02 -18.04
CA LYS B 76 15.26 25.26 -17.76
C LYS B 76 14.15 24.88 -16.80
N HIS B 77 14.23 25.41 -15.57
CA HIS B 77 13.15 25.21 -14.61
C HIS B 77 12.06 26.25 -14.82
N HIS B 78 11.11 26.33 -13.88
CA HIS B 78 10.00 27.26 -14.01
C HIS B 78 10.48 28.70 -14.05
N ASP B 79 11.63 28.98 -13.41
CA ASP B 79 12.25 30.30 -13.33
C ASP B 79 12.68 30.82 -14.72
N GLY B 80 12.88 29.91 -15.69
CA GLY B 80 13.06 30.29 -17.08
C GLY B 80 14.53 30.49 -17.42
N PHE B 81 15.41 30.39 -16.43
CA PHE B 81 16.85 30.51 -16.70
C PHE B 81 17.41 29.30 -17.44
N VAL B 82 17.99 29.56 -18.62
CA VAL B 82 18.36 28.46 -19.49
C VAL B 82 19.84 28.11 -19.27
N LEU B 83 20.15 26.81 -19.15
CA LEU B 83 21.45 26.37 -18.68
C LEU B 83 22.37 25.97 -19.84
N TYR B 84 21.94 26.31 -21.06
CA TYR B 84 22.83 26.25 -22.21
C TYR B 84 22.67 27.57 -22.97
N PRO B 85 23.66 27.97 -23.80
CA PRO B 85 23.63 29.27 -24.47
C PRO B 85 22.68 29.34 -25.66
N THR B 86 21.37 29.29 -25.35
CA THR B 86 20.30 29.35 -26.34
C THR B 86 20.40 30.66 -27.13
N ALA B 87 20.00 30.59 -28.40
CA ALA B 87 19.89 31.77 -29.26
C ALA B 87 18.65 32.58 -28.94
N HIS B 88 17.72 32.03 -28.17
CA HIS B 88 16.36 32.56 -28.21
C HIS B 88 15.95 33.35 -26.97
N THR B 89 16.81 33.47 -25.95
CA THR B 89 16.55 34.41 -24.88
C THR B 89 17.90 34.89 -24.39
N ASP B 90 17.92 36.03 -23.69
CA ASP B 90 19.13 36.53 -23.05
C ASP B 90 19.25 35.99 -21.63
N TYR B 91 18.19 35.34 -21.12
CA TYR B 91 18.18 34.86 -19.73
C TYR B 91 18.77 33.45 -19.64
N SER B 92 20.10 33.39 -19.70
CA SER B 92 20.81 32.14 -19.82
C SER B 92 22.19 32.29 -19.21
N VAL B 93 22.91 31.17 -19.20
CA VAL B 93 24.29 31.12 -18.73
C VAL B 93 25.18 32.13 -19.47
N LYS B 94 24.74 32.66 -20.62
CA LYS B 94 25.56 33.65 -21.33
C LYS B 94 25.85 34.86 -20.46
N VAL B 95 24.97 35.19 -19.50
CA VAL B 95 25.15 36.37 -18.65
C VAL B 95 25.54 35.99 -17.23
N SER B 96 25.96 34.74 -17.06
CA SER B 96 26.46 34.34 -15.77
C SER B 96 27.99 34.28 -15.80
N PRO B 97 28.65 34.45 -14.64
CA PRO B 97 30.12 34.40 -14.54
C PRO B 97 30.67 32.99 -14.61
N TRP B 98 29.78 31.98 -14.58
CA TRP B 98 30.21 30.59 -14.68
C TRP B 98 30.96 30.37 -16.00
N ARG B 99 32.16 29.77 -15.90
CA ARG B 99 33.01 29.52 -17.06
C ARG B 99 33.23 30.82 -17.85
N ARG B 100 33.21 31.94 -17.13
CA ARG B 100 33.43 33.28 -17.69
C ARG B 100 32.42 33.58 -18.79
N GLY B 101 31.16 33.16 -18.59
CA GLY B 101 30.10 33.44 -19.54
C GLY B 101 29.98 32.48 -20.72
N LYS B 102 30.89 31.48 -20.81
CA LYS B 102 30.97 30.58 -21.96
C LYS B 102 30.55 29.16 -21.62
N GLY B 103 29.83 29.01 -20.50
CA GLY B 103 29.48 27.69 -20.01
C GLY B 103 28.27 27.11 -20.75
N ASP B 104 28.20 25.77 -20.77
CA ASP B 104 27.09 25.10 -21.42
C ASP B 104 26.90 23.80 -20.64
N LEU B 105 25.98 23.80 -19.67
CA LEU B 105 25.79 22.61 -18.85
C LEU B 105 25.32 21.42 -19.67
N LEU B 106 24.45 21.65 -20.68
CA LEU B 106 23.98 20.54 -21.49
C LEU B 106 25.16 19.90 -22.23
N LEU B 107 26.10 20.71 -22.72
CA LEU B 107 27.29 20.17 -23.36
C LEU B 107 28.12 19.37 -22.36
N GLU B 108 28.40 19.96 -21.19
CA GLU B 108 29.30 19.31 -20.26
C GLU B 108 28.74 17.96 -19.83
N VAL B 109 27.42 17.90 -19.63
CA VAL B 109 26.79 16.65 -19.22
C VAL B 109 26.80 15.68 -20.40
N SER B 110 26.53 16.18 -21.62
CA SER B 110 26.40 15.33 -22.79
C SER B 110 27.74 14.70 -23.13
N GLN B 111 28.82 15.47 -22.96
CA GLN B 111 30.15 14.96 -23.28
C GLN B 111 30.43 13.73 -22.42
N ALA B 112 30.27 13.88 -21.10
CA ALA B 112 30.48 12.84 -20.10
C ALA B 112 29.50 11.68 -20.30
N ALA B 113 28.21 11.99 -20.53
CA ALA B 113 27.26 10.92 -20.84
C ALA B 113 27.69 10.06 -22.02
N THR B 114 28.15 10.71 -23.09
CA THR B 114 28.57 10.01 -24.29
C THR B 114 29.78 9.14 -23.95
N GLU B 115 30.66 9.65 -23.08
CA GLU B 115 31.85 8.90 -22.72
C GLU B 115 31.45 7.61 -22.02
N PHE B 116 30.46 7.68 -21.12
CA PHE B 116 30.05 6.57 -20.27
C PHE B 116 28.89 5.77 -20.83
N ASP B 117 28.44 6.10 -22.05
CA ASP B 117 27.27 5.47 -22.66
C ASP B 117 26.11 5.50 -21.67
N MET B 118 25.80 6.71 -21.18
CA MET B 118 24.69 6.99 -20.31
C MET B 118 23.64 7.74 -21.12
N ASP B 119 22.48 7.10 -21.31
CA ASP B 119 21.35 7.68 -22.02
C ASP B 119 20.92 8.96 -21.32
N MET B 120 20.32 9.87 -22.09
CA MET B 120 19.99 11.17 -21.52
C MET B 120 18.53 11.51 -21.76
N GLY B 121 17.98 12.21 -20.77
CA GLY B 121 16.71 12.90 -20.98
C GLY B 121 16.92 14.39 -20.75
N VAL B 122 15.94 15.19 -21.14
CA VAL B 122 15.99 16.64 -20.97
C VAL B 122 14.64 17.14 -20.47
N TYR B 123 14.69 17.97 -19.43
CA TYR B 123 13.53 18.64 -18.86
C TYR B 123 13.63 20.12 -19.26
N LEU B 124 12.59 20.59 -19.97
CA LEU B 124 12.45 21.98 -20.39
C LEU B 124 11.06 22.45 -19.97
N SER B 125 10.99 23.35 -18.97
CA SER B 125 9.74 23.64 -18.28
C SER B 125 8.73 24.33 -19.19
N PRO B 126 7.52 23.76 -19.43
CA PRO B 126 6.49 24.48 -20.16
C PRO B 126 6.12 25.82 -19.50
N TRP B 127 5.83 25.80 -18.19
CA TRP B 127 5.62 27.07 -17.51
C TRP B 127 6.94 27.83 -17.40
N ASP B 128 6.92 29.10 -17.83
CA ASP B 128 8.13 29.92 -17.84
C ASP B 128 7.80 31.26 -17.18
N ALA B 129 8.30 31.46 -15.94
CA ALA B 129 7.96 32.64 -15.16
C ALA B 129 8.78 33.85 -15.57
N HIS B 130 9.82 33.66 -16.41
CA HIS B 130 10.65 34.79 -16.83
C HIS B 130 10.15 35.37 -18.17
N SER B 131 9.94 34.49 -19.14
CA SER B 131 9.79 34.88 -20.54
C SER B 131 8.68 35.92 -20.69
N PRO B 132 8.95 37.06 -21.38
CA PRO B 132 7.87 38.01 -21.69
C PRO B 132 6.81 37.48 -22.65
N LEU B 133 7.07 36.30 -23.27
CA LEU B 133 6.18 35.69 -24.24
C LEU B 133 5.14 34.83 -23.51
N TYR B 134 5.34 34.61 -22.21
CA TYR B 134 4.47 33.70 -21.47
C TYR B 134 3.18 34.42 -21.04
N HIS B 135 2.25 34.51 -21.98
CA HIS B 135 1.04 35.28 -21.79
C HIS B 135 0.02 34.78 -22.80
N VAL B 136 -1.27 34.82 -22.42
CA VAL B 136 -2.27 34.31 -23.35
C VAL B 136 -2.28 35.15 -24.63
N ASP B 137 -1.97 36.45 -24.51
CA ASP B 137 -1.96 37.31 -25.68
C ASP B 137 -0.81 36.99 -26.63
N ARG B 138 0.21 36.27 -26.12
CA ARG B 138 1.42 36.01 -26.87
C ARG B 138 1.67 34.51 -26.98
N GLU B 139 0.63 33.69 -26.81
CA GLU B 139 0.89 32.26 -26.67
C GLU B 139 1.47 31.63 -27.95
N ALA B 140 1.11 32.13 -29.14
CA ALA B 140 1.75 31.55 -30.33
C ALA B 140 3.25 31.80 -30.28
N ASP B 141 3.63 33.02 -29.83
CA ASP B 141 5.04 33.36 -29.72
C ASP B 141 5.72 32.48 -28.65
N TYR B 142 5.02 32.20 -27.53
CA TYR B 142 5.72 31.41 -26.52
C TYR B 142 5.90 29.98 -27.02
N ASN B 143 4.89 29.46 -27.72
CA ASN B 143 4.97 28.11 -28.28
C ASN B 143 6.11 28.01 -29.29
N ALA B 144 6.32 29.08 -30.06
CA ALA B 144 7.41 29.11 -31.03
C ALA B 144 8.77 29.13 -30.33
N TYR B 145 8.83 29.77 -29.18
CA TYR B 145 10.05 29.86 -28.38
C TYR B 145 10.43 28.47 -27.86
N TYR B 146 9.44 27.82 -27.23
CA TYR B 146 9.58 26.47 -26.71
C TYR B 146 10.01 25.51 -27.83
N LEU B 147 9.32 25.55 -28.96
CA LEU B 147 9.66 24.67 -30.07
C LEU B 147 11.09 24.89 -30.56
N ALA B 148 11.50 26.16 -30.61
CA ALA B 148 12.82 26.50 -31.13
C ALA B 148 13.87 25.94 -30.19
N GLN B 149 13.55 25.91 -28.89
CA GLN B 149 14.52 25.35 -27.96
C GLN B 149 14.58 23.82 -28.05
N LEU B 150 13.42 23.18 -28.23
CA LEU B 150 13.39 21.75 -28.51
C LEU B 150 14.35 21.47 -29.66
N LYS B 151 14.32 22.31 -30.71
CA LYS B 151 15.19 22.09 -31.87
C LYS B 151 16.67 22.27 -31.51
N GLU B 152 17.01 23.34 -30.78
CA GLU B 152 18.39 23.54 -30.34
C GLU B 152 18.92 22.34 -29.58
N ILE B 153 18.07 21.80 -28.68
CA ILE B 153 18.48 20.69 -27.83
C ILE B 153 18.63 19.38 -28.63
N LEU B 154 17.65 19.06 -29.48
CA LEU B 154 17.43 17.70 -29.96
C LEU B 154 18.01 17.48 -31.37
N SER B 155 18.54 18.57 -31.99
CA SER B 155 19.09 18.45 -33.34
C SER B 155 20.61 18.53 -33.36
N ASN B 156 21.22 18.80 -32.20
CA ASN B 156 22.65 19.08 -32.12
C ASN B 156 23.42 17.81 -31.75
N PRO B 157 24.38 17.34 -32.59
CA PRO B 157 25.08 16.08 -32.30
C PRO B 157 25.95 16.14 -31.03
N ASN B 158 26.24 17.35 -30.52
CA ASN B 158 27.10 17.43 -29.34
C ASN B 158 26.27 17.36 -28.06
N TYR B 159 24.95 17.27 -28.22
CA TYR B 159 24.10 17.09 -27.05
C TYR B 159 23.54 15.66 -27.05
N GLY B 160 23.17 15.18 -25.86
CA GLY B 160 22.66 13.83 -25.75
C GLY B 160 23.79 12.80 -25.69
N ASN B 161 23.43 11.52 -25.73
CA ASN B 161 24.38 10.41 -25.76
C ASN B 161 24.66 10.12 -27.23
N ALA B 162 25.82 10.58 -27.71
CA ALA B 162 26.16 10.50 -29.13
C ALA B 162 25.01 11.05 -29.97
N GLY B 163 24.47 12.21 -29.58
CA GLY B 163 23.43 12.86 -30.35
C GLY B 163 22.01 12.36 -30.06
N LYS B 164 21.85 11.36 -29.19
CA LYS B 164 20.54 10.73 -29.02
C LYS B 164 19.95 11.07 -27.66
N PHE B 165 18.63 11.35 -27.65
CA PHE B 165 17.90 11.49 -26.40
C PHE B 165 16.87 10.38 -26.27
N ALA B 166 16.69 9.97 -25.00
CA ALA B 166 15.82 8.85 -24.71
C ALA B 166 14.51 9.33 -24.11
N GLU B 167 14.49 10.54 -23.54
CA GLU B 167 13.28 11.04 -22.87
C GLU B 167 13.26 12.57 -22.90
N VAL B 168 12.06 13.13 -23.17
CA VAL B 168 11.77 14.55 -23.05
C VAL B 168 10.72 14.71 -21.95
N TRP B 169 10.99 15.62 -21.01
CA TRP B 169 10.13 15.82 -19.84
C TRP B 169 9.44 17.18 -19.92
N MET B 170 8.09 17.13 -19.99
CA MET B 170 7.24 18.31 -20.03
C MET B 170 6.42 18.37 -18.73
N ASN B 171 6.98 19.05 -17.71
CA ASN B 171 6.34 19.14 -16.40
C ASN B 171 5.00 19.86 -16.48
N GLY B 172 4.00 19.37 -15.74
CA GLY B 172 2.66 19.92 -15.80
C GLY B 172 2.41 21.01 -14.76
N ALA B 173 3.40 21.30 -13.92
CA ALA B 173 3.20 22.27 -12.85
C ALA B 173 3.07 23.72 -13.37
N ARG B 174 2.18 24.48 -12.71
CA ARG B 174 2.08 25.90 -12.99
C ARG B 174 1.56 26.63 -11.74
N GLY B 175 2.24 27.71 -11.36
CA GLY B 175 1.85 28.50 -10.20
C GLY B 175 0.43 29.05 -10.34
N GLU B 176 -0.23 29.25 -9.19
CA GLU B 176 -1.53 29.91 -9.23
C GLU B 176 -1.33 31.34 -9.70
N GLY B 177 -2.27 31.84 -10.48
CA GLY B 177 -2.13 33.22 -10.91
C GLY B 177 -1.09 33.42 -12.01
N ALA B 178 -0.41 32.34 -12.46
CA ALA B 178 0.38 32.41 -13.69
C ALA B 178 -0.58 32.56 -14.87
N GLN B 179 -0.07 33.10 -15.98
CA GLN B 179 -0.84 33.18 -17.22
C GLN B 179 -1.27 31.78 -17.69
N LYS B 180 -2.51 31.69 -18.22
CA LYS B 180 -3.10 30.41 -18.60
C LYS B 180 -2.77 30.06 -20.04
N VAL B 181 -1.47 29.98 -20.32
CA VAL B 181 -0.97 29.62 -21.64
C VAL B 181 -1.37 28.20 -22.01
N ASN B 182 -1.80 28.01 -23.26
CA ASN B 182 -2.06 26.70 -23.81
C ASN B 182 -0.92 26.30 -24.74
N TYR B 183 -0.60 25.00 -24.74
CA TYR B 183 0.60 24.60 -25.46
C TYR B 183 0.22 23.85 -26.73
N GLU B 184 1.10 23.96 -27.71
CA GLU B 184 0.92 23.32 -29.01
C GLU B 184 1.57 21.92 -28.96
N PHE B 185 0.96 21.03 -28.17
CA PHE B 185 1.61 19.78 -27.81
C PHE B 185 1.89 18.95 -29.07
N GLU B 186 0.89 18.84 -29.96
CA GLU B 186 1.02 18.01 -31.15
C GLU B 186 2.19 18.49 -32.02
N LYS B 187 2.36 19.81 -32.16
CA LYS B 187 3.47 20.31 -32.93
C LYS B 187 4.79 19.97 -32.25
N TRP B 188 4.83 20.11 -30.91
CA TRP B 188 6.03 19.75 -30.18
C TRP B 188 6.36 18.26 -30.40
N PHE B 189 5.34 17.40 -30.33
CA PHE B 189 5.60 15.96 -30.42
C PHE B 189 6.14 15.58 -31.81
N GLU B 190 5.57 16.23 -32.83
N GLU B 190 5.59 16.22 -32.85
CA GLU B 190 5.98 16.05 -34.22
CA GLU B 190 6.06 15.94 -34.20
C GLU B 190 7.47 16.36 -34.39
C GLU B 190 7.53 16.31 -34.35
N THR B 191 7.91 17.49 -33.83
CA THR B 191 9.32 17.87 -33.86
C THR B 191 10.18 16.89 -33.09
N ILE B 192 9.70 16.40 -31.94
CA ILE B 192 10.51 15.44 -31.19
C ILE B 192 10.71 14.18 -32.03
N ARG B 193 9.68 13.77 -32.76
CA ARG B 193 9.77 12.60 -33.64
C ARG B 193 10.70 12.84 -34.82
N ASP B 194 10.60 14.03 -35.44
CA ASP B 194 11.48 14.39 -36.54
C ASP B 194 12.95 14.25 -36.15
N LEU B 195 13.28 14.63 -34.91
CA LEU B 195 14.67 14.77 -34.47
C LEU B 195 15.15 13.54 -33.71
N GLN B 196 14.22 12.84 -33.07
CA GLN B 196 14.66 11.82 -32.12
C GLN B 196 13.82 10.54 -32.22
N GLY B 197 12.98 10.41 -33.25
CA GLY B 197 12.27 9.16 -33.47
C GLY B 197 11.33 8.83 -32.30
N ASP B 198 11.44 7.61 -31.78
CA ASP B 198 10.51 7.09 -30.79
C ASP B 198 10.90 7.50 -29.37
N CYS B 199 11.73 8.54 -29.22
CA CYS B 199 12.09 9.12 -27.94
C CYS B 199 10.86 9.18 -27.03
N LEU B 200 11.02 8.79 -25.75
CA LEU B 200 9.85 8.75 -24.88
C LEU B 200 9.50 10.18 -24.49
N ILE B 201 8.22 10.44 -24.22
CA ILE B 201 7.83 11.77 -23.79
C ILE B 201 6.97 11.66 -22.53
N PHE B 202 7.40 12.33 -21.46
CA PHE B 202 6.61 12.54 -20.25
C PHE B 202 5.84 13.84 -20.42
N SER B 203 4.50 13.79 -20.25
CA SER B 203 3.68 14.98 -20.38
C SER B 203 2.37 14.74 -19.64
N THR B 204 1.51 15.75 -19.59
CA THR B 204 0.18 15.56 -19.04
C THR B 204 -0.76 14.91 -20.05
N GLU B 205 -0.30 14.84 -21.30
CA GLU B 205 -1.11 14.37 -22.41
C GLU B 205 -0.89 12.88 -22.66
N GLY B 206 -1.48 12.37 -23.77
CA GLY B 206 -1.48 10.92 -23.95
C GLY B 206 -0.22 10.44 -24.66
N THR B 207 0.93 10.67 -24.03
CA THR B 207 2.25 10.33 -24.57
C THR B 207 2.73 9.01 -23.97
N SER B 208 3.99 8.61 -24.24
CA SER B 208 4.40 7.25 -23.88
C SER B 208 4.70 7.11 -22.38
N ILE B 209 4.90 8.22 -21.69
CA ILE B 209 5.12 8.21 -20.25
C ILE B 209 4.11 9.14 -19.58
N ARG B 210 3.53 8.69 -18.44
CA ARG B 210 2.70 9.57 -17.62
C ARG B 210 3.36 9.70 -16.25
N TRP B 211 2.94 10.72 -15.49
CA TRP B 211 3.32 10.81 -14.08
C TRP B 211 2.61 9.70 -13.29
N ILE B 212 3.27 9.12 -12.28
CA ILE B 212 2.62 8.14 -11.39
C ILE B 212 1.60 8.80 -10.44
N GLY B 213 1.65 10.13 -10.30
CA GLY B 213 0.60 10.82 -9.53
C GLY B 213 1.04 11.17 -8.11
N ASN B 214 2.31 10.89 -7.79
CA ASN B 214 2.88 11.39 -6.54
C ASN B 214 4.39 11.51 -6.73
N GLN B 215 5.05 12.21 -5.79
N GLN B 215 5.06 12.20 -5.79
CA GLN B 215 6.50 12.35 -5.84
CA GLN B 215 6.51 12.32 -5.87
C GLN B 215 7.14 11.61 -4.67
C GLN B 215 7.16 11.59 -4.69
N ARG B 216 6.55 10.47 -4.27
CA ARG B 216 7.02 9.68 -3.14
C ARG B 216 7.67 8.37 -3.58
N GLY B 217 7.59 8.05 -4.87
CA GLY B 217 8.17 6.82 -5.35
C GLY B 217 7.20 5.63 -5.24
N TYR B 218 5.90 5.91 -5.19
CA TYR B 218 4.93 4.87 -4.87
C TYR B 218 4.02 4.63 -6.08
N ALA B 219 4.18 3.48 -6.76
CA ALA B 219 3.23 3.02 -7.78
C ALA B 219 2.07 2.31 -7.04
N GLY B 220 0.86 2.44 -7.58
CA GLY B 220 -0.27 1.76 -6.96
C GLY B 220 -0.23 0.25 -7.20
N ASP B 221 -1.03 -0.48 -6.41
CA ASP B 221 -1.40 -1.84 -6.74
C ASP B 221 -2.92 -1.87 -6.73
N PRO B 222 -3.59 -2.03 -7.89
CA PRO B 222 -2.98 -2.43 -9.16
C PRO B 222 -2.18 -1.29 -9.79
N LEU B 223 -1.20 -1.66 -10.62
CA LEU B 223 -0.62 -0.74 -11.59
C LEU B 223 -0.83 -1.29 -12.99
N TRP B 224 -1.82 -0.71 -13.68
CA TRP B 224 -2.02 -0.95 -15.11
C TRP B 224 -1.18 0.06 -15.89
N GLN B 225 -0.26 -0.43 -16.74
CA GLN B 225 0.59 0.44 -17.51
C GLN B 225 -0.12 0.79 -18.82
N LYS B 226 -1.30 1.43 -18.71
CA LYS B 226 -2.15 1.77 -19.84
C LYS B 226 -3.18 2.79 -19.34
N VAL B 227 -3.60 3.68 -20.25
CA VAL B 227 -4.60 4.68 -19.87
C VAL B 227 -5.53 4.93 -21.04
N ASN B 228 -6.66 5.59 -20.75
CA ASN B 228 -7.50 6.19 -21.77
C ASN B 228 -7.05 7.64 -21.90
N PRO B 229 -6.58 8.11 -23.07
CA PRO B 229 -6.03 9.46 -23.18
C PRO B 229 -7.05 10.55 -22.87
N ASP B 230 -8.36 10.22 -22.97
CA ASP B 230 -9.43 11.18 -22.70
C ASP B 230 -9.54 11.51 -21.21
N LYS B 231 -8.92 10.68 -20.35
CA LYS B 231 -8.96 10.87 -18.90
C LYS B 231 -7.65 11.46 -18.41
N LEU B 232 -6.79 11.96 -19.32
CA LEU B 232 -5.55 12.60 -18.89
C LEU B 232 -5.66 14.14 -18.89
N GLY B 233 -4.61 14.84 -19.33
CA GLY B 233 -4.48 16.30 -19.26
C GLY B 233 -4.19 16.79 -17.84
N THR B 234 -4.26 18.11 -17.62
CA THR B 234 -3.89 18.66 -16.32
C THR B 234 -4.88 18.29 -15.21
N GLU B 235 -6.09 17.87 -15.58
CA GLU B 235 -7.12 17.54 -14.62
C GLU B 235 -7.19 16.04 -14.31
N ALA B 236 -6.19 15.26 -14.78
CA ALA B 236 -6.18 13.82 -14.53
C ALA B 236 -6.22 13.56 -13.03
N GLU B 237 -7.02 12.58 -12.59
CA GLU B 237 -7.07 12.25 -11.17
C GLU B 237 -5.76 11.58 -10.75
N LEU B 238 -5.28 11.89 -9.56
CA LEU B 238 -4.02 11.33 -9.11
C LEU B 238 -4.14 9.81 -9.02
N ASN B 239 -5.30 9.29 -8.59
CA ASN B 239 -5.44 7.84 -8.46
C ASN B 239 -5.47 7.16 -9.83
N TYR B 240 -5.93 7.90 -10.86
CA TYR B 240 -5.96 7.38 -12.22
C TYR B 240 -4.52 7.25 -12.73
N LEU B 241 -3.68 8.27 -12.46
CA LEU B 241 -2.27 8.16 -12.80
C LEU B 241 -1.57 7.03 -12.05
N GLN B 242 -1.91 6.86 -10.76
CA GLN B 242 -1.19 5.97 -9.86
C GLN B 242 -1.54 4.49 -10.08
N HIS B 243 -2.72 4.21 -10.68
CA HIS B 243 -3.18 2.84 -10.84
C HIS B 243 -3.34 2.48 -12.32
N GLY B 244 -3.31 3.48 -13.18
CA GLY B 244 -3.77 3.33 -14.56
C GLY B 244 -5.23 2.88 -14.69
N ASP B 245 -5.53 2.40 -15.91
CA ASP B 245 -6.90 2.08 -16.30
C ASP B 245 -6.97 0.61 -16.73
N PRO B 246 -7.80 -0.24 -16.09
CA PRO B 246 -7.88 -1.64 -16.47
C PRO B 246 -8.30 -1.77 -17.93
N SER B 247 -9.00 -0.74 -18.44
CA SER B 247 -9.45 -0.75 -19.84
C SER B 247 -8.71 0.26 -20.72
N GLY B 248 -7.51 0.71 -20.32
CA GLY B 248 -6.76 1.68 -21.11
C GLY B 248 -6.48 1.22 -22.55
N THR B 249 -6.45 2.22 -23.46
CA THR B 249 -6.32 1.99 -24.89
C THR B 249 -4.93 2.37 -25.40
N ILE B 250 -4.09 3.02 -24.58
CA ILE B 250 -2.70 3.24 -24.97
C ILE B 250 -1.79 2.67 -23.90
N PHE B 251 -0.67 2.07 -24.32
CA PHE B 251 0.32 1.64 -23.33
C PHE B 251 1.02 2.89 -22.82
N SER B 252 1.19 2.96 -21.49
CA SER B 252 1.66 4.17 -20.85
C SER B 252 2.45 3.77 -19.60
N ILE B 253 3.68 4.25 -19.45
CA ILE B 253 4.49 3.94 -18.28
C ILE B 253 4.20 5.01 -17.23
N GLY B 254 3.77 4.58 -16.03
CA GLY B 254 3.63 5.52 -14.92
C GLY B 254 4.95 5.70 -14.18
N GLU B 255 5.77 6.67 -14.62
CA GLU B 255 7.12 6.85 -14.09
C GLU B 255 7.06 7.37 -12.66
N ALA B 256 7.85 6.75 -11.77
CA ALA B 256 7.81 7.11 -10.37
C ALA B 256 9.02 7.97 -10.07
N ASP B 257 8.83 9.30 -10.08
CA ASP B 257 9.89 10.23 -9.79
C ASP B 257 9.91 10.59 -8.29
N VAL B 258 11.11 10.65 -7.70
CA VAL B 258 11.19 11.06 -6.30
C VAL B 258 12.58 11.61 -6.08
N SER B 259 12.71 12.53 -5.09
CA SER B 259 14.03 13.10 -4.85
C SER B 259 14.73 12.28 -3.76
N ILE B 260 16.07 12.23 -3.77
CA ILE B 260 16.79 11.61 -2.67
C ILE B 260 16.69 12.47 -1.41
N ARG B 261 16.24 13.72 -1.57
CA ARG B 261 16.09 14.64 -0.44
C ARG B 261 14.64 15.13 -0.33
N PRO B 262 14.26 15.87 0.73
CA PRO B 262 12.92 16.47 0.81
C PRO B 262 12.61 17.35 -0.40
N GLY B 263 13.60 18.16 -0.82
CA GLY B 263 13.45 19.04 -1.97
C GLY B 263 14.09 18.50 -3.24
N TRP B 264 13.67 19.04 -4.41
CA TRP B 264 14.27 18.68 -5.68
C TRP B 264 15.65 19.33 -5.84
N PHE B 265 15.80 20.57 -5.34
CA PHE B 265 17.10 21.23 -5.46
C PHE B 265 17.88 20.96 -4.18
N TYR B 266 19.18 21.30 -4.22
CA TYR B 266 20.04 21.07 -3.05
C TYR B 266 19.79 22.12 -1.98
N HIS B 267 19.67 21.67 -0.72
CA HIS B 267 19.53 22.55 0.43
C HIS B 267 20.49 22.05 1.50
N GLU B 268 21.27 22.98 2.07
CA GLU B 268 22.35 22.64 2.98
C GLU B 268 21.81 21.86 4.17
N ASP B 269 20.62 22.24 4.64
CA ASP B 269 20.03 21.78 5.90
C ASP B 269 19.27 20.47 5.71
N GLN B 270 19.28 19.92 4.49
CA GLN B 270 18.60 18.67 4.20
C GLN B 270 19.59 17.51 4.14
N ASP B 271 19.07 16.29 4.36
CA ASP B 271 19.90 15.11 4.29
C ASP B 271 19.24 14.12 3.32
N PRO B 272 20.00 13.20 2.69
CA PRO B 272 19.40 12.22 1.78
C PRO B 272 18.63 11.17 2.59
N LYS B 273 17.74 10.48 1.88
CA LYS B 273 16.95 9.40 2.44
C LYS B 273 17.89 8.26 2.88
N SER B 274 17.47 7.53 3.92
CA SER B 274 18.20 6.37 4.41
C SER B 274 18.18 5.25 3.38
N LEU B 275 19.07 4.27 3.53
CA LEU B 275 19.01 3.09 2.67
C LEU B 275 17.64 2.43 2.83
N GLU B 276 17.17 2.31 4.06
CA GLU B 276 15.89 1.67 4.33
C GLU B 276 14.77 2.34 3.52
N GLU B 277 14.81 3.68 3.47
CA GLU B 277 13.77 4.44 2.77
C GLU B 277 13.86 4.18 1.27
N LEU B 278 15.09 4.14 0.74
CA LEU B 278 15.24 3.91 -0.70
C LEU B 278 14.82 2.49 -1.06
N VAL B 279 15.10 1.55 -0.14
CA VAL B 279 14.68 0.18 -0.41
C VAL B 279 13.15 0.07 -0.47
N GLU B 280 12.42 0.72 0.45
CA GLU B 280 10.96 0.72 0.38
C GLU B 280 10.47 1.30 -0.96
N ILE B 281 11.13 2.38 -1.39
CA ILE B 281 10.74 3.02 -2.65
C ILE B 281 10.97 2.07 -3.81
N TYR B 282 12.12 1.39 -3.81
CA TYR B 282 12.48 0.45 -4.84
C TYR B 282 11.42 -0.63 -4.98
N PHE B 283 10.97 -1.19 -3.84
CA PHE B 283 9.99 -2.26 -3.89
C PHE B 283 8.64 -1.74 -4.40
N HIS B 284 8.36 -0.45 -4.15
CA HIS B 284 7.07 0.10 -4.55
C HIS B 284 7.12 0.78 -5.92
N SER B 285 8.27 0.74 -6.60
CA SER B 285 8.38 1.34 -7.92
C SER B 285 8.76 0.24 -8.92
N VAL B 286 10.06 -0.10 -8.95
CA VAL B 286 10.58 -1.16 -9.79
C VAL B 286 9.93 -2.48 -9.40
N GLY B 287 9.68 -2.66 -8.10
CA GLY B 287 9.03 -3.87 -7.63
C GLY B 287 7.54 -3.91 -7.97
N ARG B 288 6.98 -2.79 -8.47
CA ARG B 288 5.60 -2.83 -8.97
C ARG B 288 5.52 -2.64 -10.49
N GLY B 289 6.66 -2.84 -11.19
CA GLY B 289 6.66 -2.95 -12.64
C GLY B 289 6.84 -1.60 -13.34
N THR B 290 7.38 -0.61 -12.63
CA THR B 290 7.56 0.69 -13.26
C THR B 290 8.94 1.25 -12.91
N PRO B 291 9.54 2.10 -13.77
CA PRO B 291 10.86 2.65 -13.46
C PRO B 291 10.86 3.65 -12.31
N LEU B 292 12.00 3.64 -11.58
CA LEU B 292 12.30 4.63 -10.57
C LEU B 292 13.17 5.74 -11.18
N LEU B 293 12.69 7.00 -11.10
CA LEU B 293 13.45 8.18 -11.50
C LEU B 293 13.81 8.94 -10.23
N LEU B 294 15.07 8.74 -9.78
CA LEU B 294 15.56 9.29 -8.53
C LEU B 294 16.39 10.55 -8.78
N ASN B 295 15.99 11.65 -8.14
CA ASN B 295 16.67 12.92 -8.32
C ASN B 295 17.79 13.11 -7.29
N ILE B 296 18.98 13.47 -7.78
CA ILE B 296 20.13 13.78 -6.92
C ILE B 296 20.57 15.19 -7.29
N PRO B 297 20.41 16.17 -6.38
CA PRO B 297 20.72 17.58 -6.70
C PRO B 297 22.14 18.03 -6.36
N PRO B 298 22.92 18.52 -7.36
CA PRO B 298 24.25 19.09 -7.07
C PRO B 298 24.18 20.32 -6.18
N ASN B 299 25.22 20.52 -5.35
CA ASN B 299 25.27 21.62 -4.40
C ASN B 299 25.82 22.86 -5.10
N GLN B 300 26.09 23.92 -4.33
CA GLN B 300 26.52 25.20 -4.86
C GLN B 300 27.91 25.11 -5.50
N ALA B 301 28.70 24.11 -5.11
CA ALA B 301 29.98 23.81 -5.75
C ALA B 301 29.78 23.13 -7.12
N GLY B 302 28.56 22.66 -7.41
CA GLY B 302 28.31 21.87 -8.62
C GLY B 302 28.73 20.41 -8.47
N LEU B 303 28.62 19.88 -7.24
CA LEU B 303 28.99 18.50 -6.99
C LEU B 303 27.87 17.82 -6.22
N PHE B 304 27.80 16.49 -6.38
CA PHE B 304 26.92 15.69 -5.54
C PHE B 304 27.49 15.72 -4.13
N ASP B 305 26.59 15.86 -3.15
CA ASP B 305 26.93 15.82 -1.74
C ASP B 305 27.55 14.46 -1.41
N ALA B 306 28.57 14.46 -0.52
CA ALA B 306 29.29 13.23 -0.25
C ALA B 306 28.34 12.18 0.35
N LYS B 307 27.36 12.62 1.13
CA LYS B 307 26.46 11.67 1.77
C LYS B 307 25.59 11.02 0.70
N ASP B 308 25.12 11.82 -0.27
CA ASP B 308 24.31 11.31 -1.37
C ASP B 308 25.06 10.24 -2.17
N ILE B 309 26.34 10.47 -2.48
CA ILE B 309 27.13 9.53 -3.26
C ILE B 309 27.24 8.20 -2.49
N GLU B 310 27.55 8.29 -1.19
CA GLU B 310 27.71 7.12 -0.33
C GLU B 310 26.44 6.30 -0.36
N ARG B 311 25.29 6.97 -0.21
CA ARG B 311 23.97 6.35 -0.28
C ARG B 311 23.73 5.64 -1.62
N LEU B 312 24.17 6.23 -2.74
CA LEU B 312 23.88 5.61 -4.03
C LEU B 312 24.67 4.31 -4.14
N TYR B 313 25.88 4.31 -3.55
CA TYR B 313 26.69 3.10 -3.57
C TYR B 313 26.05 2.02 -2.71
N GLU B 314 25.55 2.41 -1.54
CA GLU B 314 24.90 1.48 -0.62
C GLU B 314 23.66 0.86 -1.28
N PHE B 315 22.89 1.72 -1.95
CA PHE B 315 21.69 1.31 -2.67
C PHE B 315 22.06 0.33 -3.78
N ALA B 316 23.12 0.61 -4.52
CA ALA B 316 23.55 -0.30 -5.58
C ALA B 316 23.96 -1.67 -5.02
N THR B 317 24.70 -1.66 -3.90
CA THR B 317 25.18 -2.89 -3.29
C THR B 317 24.01 -3.75 -2.81
N TYR B 318 23.01 -3.08 -2.22
CA TYR B 318 21.79 -3.74 -1.79
C TYR B 318 21.18 -4.52 -2.95
N ARG B 319 20.99 -3.84 -4.10
CA ARG B 319 20.29 -4.49 -5.19
C ARG B 319 21.15 -5.63 -5.73
N ASN B 320 22.48 -5.45 -5.72
CA ASN B 320 23.33 -6.49 -6.26
C ASN B 320 23.24 -7.76 -5.40
N GLU B 321 23.20 -7.59 -4.07
CA GLU B 321 23.09 -8.68 -3.12
C GLU B 321 21.71 -9.36 -3.22
N LEU B 322 20.66 -8.57 -3.44
CA LEU B 322 19.31 -9.09 -3.55
C LEU B 322 19.21 -10.11 -4.68
N TYR B 323 19.76 -9.78 -5.85
CA TYR B 323 19.58 -10.59 -7.04
C TYR B 323 20.68 -11.66 -7.17
N LYS B 324 21.63 -11.70 -6.23
CA LYS B 324 22.80 -12.57 -6.31
C LYS B 324 22.41 -14.01 -6.62
N GLU B 325 21.38 -14.57 -5.94
CA GLU B 325 20.99 -15.94 -6.20
C GLU B 325 19.48 -16.09 -6.34
N ASP B 326 19.03 -16.56 -7.52
CA ASP B 326 17.63 -16.92 -7.71
C ASP B 326 17.41 -18.37 -7.23
N LEU B 327 16.81 -18.48 -6.05
CA LEU B 327 16.62 -19.76 -5.36
C LEU B 327 15.59 -20.65 -6.05
N ALA B 328 14.84 -20.09 -7.02
CA ALA B 328 13.86 -20.89 -7.74
C ALA B 328 14.42 -21.60 -8.98
N LEU B 329 15.66 -21.28 -9.41
CA LEU B 329 16.20 -21.89 -10.62
C LEU B 329 16.20 -23.42 -10.53
N GLY B 330 15.64 -24.08 -11.54
CA GLY B 330 15.63 -25.54 -11.63
C GLY B 330 14.50 -26.24 -10.87
N ALA B 331 13.73 -25.45 -10.08
CA ALA B 331 12.60 -26.02 -9.35
C ALA B 331 11.65 -26.69 -10.33
N GLU B 332 11.12 -27.85 -9.92
CA GLU B 332 10.04 -28.52 -10.62
C GLU B 332 8.79 -27.67 -10.46
N VAL B 333 8.09 -27.42 -11.57
CA VAL B 333 6.89 -26.61 -11.50
C VAL B 333 5.75 -27.46 -12.05
N SER B 334 4.63 -27.47 -11.34
CA SER B 334 3.51 -28.27 -11.81
C SER B 334 2.26 -27.39 -11.90
N GLY B 335 1.33 -27.82 -12.73
CA GLY B 335 0.11 -27.05 -12.97
C GLY B 335 -0.32 -27.12 -14.42
N PRO B 336 -1.41 -26.43 -14.82
CA PRO B 336 -1.87 -26.51 -16.20
C PRO B 336 -0.94 -25.69 -17.11
N ALA B 337 -0.82 -26.12 -18.36
CA ALA B 337 -0.02 -25.45 -19.38
C ALA B 337 -0.67 -25.63 -20.76
N LEU B 338 -0.60 -24.57 -21.55
CA LEU B 338 -1.34 -24.52 -22.80
C LEU B 338 -0.77 -25.55 -23.80
N SER B 339 0.54 -25.76 -23.78
CA SER B 339 1.22 -26.59 -24.77
C SER B 339 2.66 -26.81 -24.31
N ALA B 340 3.37 -27.73 -24.97
CA ALA B 340 4.79 -27.90 -24.72
C ALA B 340 5.56 -26.59 -24.92
N ASP B 341 5.16 -25.79 -25.92
CA ASP B 341 5.83 -24.52 -26.19
C ASP B 341 5.64 -23.53 -25.03
N PHE B 342 4.61 -23.75 -24.20
CA PHE B 342 4.35 -22.85 -23.08
C PHE B 342 4.36 -23.61 -21.75
N ALA B 343 5.36 -24.50 -21.59
CA ALA B 343 5.42 -25.46 -20.50
C ALA B 343 5.69 -24.76 -19.17
N CYS B 344 5.18 -25.34 -18.08
CA CYS B 344 5.48 -24.83 -16.73
C CYS B 344 6.98 -24.77 -16.47
N ARG B 345 7.75 -25.71 -17.02
CA ARG B 345 9.20 -25.77 -16.80
C ARG B 345 9.91 -24.48 -17.24
N HIS B 346 9.29 -23.72 -18.15
CA HIS B 346 9.84 -22.46 -18.64
C HIS B 346 9.99 -21.37 -17.59
N LEU B 347 9.29 -21.53 -16.45
CA LEU B 347 9.25 -20.49 -15.44
C LEU B 347 10.55 -20.49 -14.65
N THR B 348 11.30 -21.60 -14.66
CA THR B 348 12.48 -21.68 -13.81
C THR B 348 13.70 -22.24 -14.55
N ASP B 349 13.69 -22.16 -15.89
CA ASP B 349 14.77 -22.80 -16.64
C ASP B 349 15.90 -21.82 -16.95
N GLY B 350 15.78 -20.59 -16.46
CA GLY B 350 16.84 -19.59 -16.59
C GLY B 350 16.98 -19.02 -18.00
N LEU B 351 16.03 -19.33 -18.89
CA LEU B 351 16.08 -18.94 -20.29
C LEU B 351 15.02 -17.87 -20.57
N GLU B 352 15.47 -16.73 -21.10
CA GLU B 352 14.62 -15.59 -21.38
C GLU B 352 13.73 -15.91 -22.59
N THR B 353 14.13 -16.93 -23.36
CA THR B 353 13.44 -17.28 -24.60
C THR B 353 12.16 -18.08 -24.34
N SER B 354 11.97 -18.60 -23.11
CA SER B 354 10.87 -19.53 -22.87
C SER B 354 9.89 -18.99 -21.83
N SER B 355 8.60 -19.27 -22.04
CA SER B 355 7.57 -18.76 -21.15
C SER B 355 6.49 -19.81 -20.93
N TRP B 356 5.65 -19.56 -19.91
CA TRP B 356 4.51 -20.40 -19.58
C TRP B 356 3.23 -19.65 -19.93
N ALA B 357 2.17 -20.41 -20.24
CA ALA B 357 0.82 -19.87 -20.43
C ALA B 357 -0.18 -20.99 -20.18
N SER B 358 -1.44 -20.62 -19.88
CA SER B 358 -2.50 -21.60 -19.68
C SER B 358 -3.84 -20.93 -19.97
N ASP B 359 -4.69 -21.64 -20.74
CA ASP B 359 -6.07 -21.24 -20.99
C ASP B 359 -7.05 -21.97 -20.06
N ALA B 360 -6.55 -22.60 -18.98
CA ALA B 360 -7.39 -23.31 -18.02
C ALA B 360 -8.30 -22.32 -17.28
N ASP B 361 -9.42 -22.85 -16.75
CA ASP B 361 -10.33 -21.98 -16.00
C ASP B 361 -9.63 -21.53 -14.73
N LEU B 362 -9.85 -20.25 -14.38
CA LEU B 362 -9.30 -19.72 -13.14
C LEU B 362 -10.10 -20.30 -11.97
N PRO B 363 -9.50 -20.47 -10.77
CA PRO B 363 -8.10 -20.10 -10.53
C PRO B 363 -7.09 -21.09 -11.13
N ILE B 364 -5.94 -20.56 -11.54
CA ILE B 364 -4.86 -21.41 -12.01
C ILE B 364 -3.80 -21.49 -10.93
N GLN B 365 -3.43 -22.73 -10.56
CA GLN B 365 -2.45 -22.93 -9.49
C GLN B 365 -1.17 -23.49 -10.08
N LEU B 366 -0.07 -22.77 -9.85
CA LEU B 366 1.28 -23.24 -10.16
C LEU B 366 1.95 -23.62 -8.85
N GLU B 367 2.58 -24.80 -8.79
CA GLU B 367 3.28 -25.19 -7.58
C GLU B 367 4.76 -25.44 -7.91
N LEU B 368 5.64 -24.88 -7.08
CA LEU B 368 7.07 -25.08 -7.27
C LEU B 368 7.55 -25.99 -6.16
N ASP B 369 8.42 -26.95 -6.51
CA ASP B 369 9.14 -27.79 -5.58
C ASP B 369 10.63 -27.52 -5.81
N LEU B 370 11.25 -26.85 -4.83
CA LEU B 370 12.63 -26.43 -4.89
C LEU B 370 13.58 -27.61 -4.71
N GLY B 371 13.03 -28.78 -4.31
CA GLY B 371 13.84 -29.98 -4.18
C GLY B 371 14.46 -30.14 -2.79
N SER B 372 14.66 -29.02 -2.09
CA SER B 372 15.06 -29.00 -0.69
C SER B 372 14.57 -27.69 -0.08
N PRO B 373 14.52 -27.57 1.27
CA PRO B 373 14.09 -26.33 1.92
C PRO B 373 15.10 -25.19 1.71
N LYS B 374 14.59 -24.02 1.29
CA LYS B 374 15.40 -22.84 1.05
C LYS B 374 14.78 -21.68 1.80
N THR B 375 15.56 -20.65 2.09
CA THR B 375 15.10 -19.54 2.91
C THR B 375 14.99 -18.29 2.04
N PHE B 376 13.77 -17.75 1.96
CA PHE B 376 13.52 -16.63 1.06
C PHE B 376 12.48 -15.67 1.65
N ASP B 377 12.43 -14.45 1.10
CA ASP B 377 11.41 -13.50 1.55
C ASP B 377 10.95 -12.60 0.41
N VAL B 378 11.31 -12.93 -0.84
CA VAL B 378 10.84 -12.18 -2.00
C VAL B 378 10.50 -13.16 -3.11
N ILE B 379 9.35 -12.98 -3.76
CA ILE B 379 9.07 -13.68 -5.02
C ILE B 379 9.03 -12.63 -6.13
N GLU B 380 9.47 -13.03 -7.35
CA GLU B 380 9.43 -12.18 -8.53
C GLU B 380 8.64 -12.90 -9.62
N LEU B 381 7.66 -12.19 -10.22
CA LEU B 381 6.88 -12.73 -11.33
C LEU B 381 7.00 -11.73 -12.47
N ARG B 382 6.95 -12.22 -13.72
CA ARG B 382 6.95 -11.33 -14.86
C ARG B 382 5.95 -11.84 -15.90
N GLU B 383 5.19 -10.91 -16.48
CA GLU B 383 4.37 -11.23 -17.63
C GLU B 383 5.18 -11.02 -18.92
N ASP B 384 4.54 -11.32 -20.06
CA ASP B 384 5.18 -11.05 -21.33
C ASP B 384 4.42 -9.89 -21.99
N LEU B 385 4.91 -8.67 -21.78
CA LEU B 385 4.13 -7.52 -22.20
C LEU B 385 4.12 -7.39 -23.72
N LYS B 386 4.95 -8.19 -24.43
CA LYS B 386 4.81 -8.18 -25.89
C LYS B 386 3.44 -8.70 -26.31
N LEU B 387 2.79 -9.43 -25.41
CA LEU B 387 1.46 -9.97 -25.66
C LEU B 387 0.41 -9.24 -24.83
N GLY B 388 0.86 -8.22 -24.10
CA GLY B 388 -0.01 -7.36 -23.32
C GLY B 388 -0.10 -7.76 -21.85
N GLN B 389 -0.39 -6.74 -21.01
CA GLN B 389 -0.60 -6.92 -19.58
C GLN B 389 -1.98 -7.55 -19.30
N ARG B 390 -2.03 -8.57 -18.42
CA ARG B 390 -3.24 -9.39 -18.28
C ARG B 390 -3.68 -9.59 -16.83
N ILE B 391 -2.74 -9.92 -15.92
CA ILE B 391 -3.15 -10.44 -14.62
C ILE B 391 -3.71 -9.32 -13.73
N ALA B 392 -4.86 -9.60 -13.08
CA ALA B 392 -5.56 -8.62 -12.26
C ALA B 392 -5.54 -9.01 -10.78
N ALA B 393 -5.31 -10.30 -10.46
CA ALA B 393 -5.21 -10.70 -9.05
C ALA B 393 -4.44 -12.02 -8.96
N PHE B 394 -3.58 -12.11 -7.94
CA PHE B 394 -2.91 -13.37 -7.67
C PHE B 394 -2.56 -13.42 -6.18
N HIS B 395 -2.20 -14.61 -5.69
CA HIS B 395 -1.65 -14.74 -4.34
C HIS B 395 -0.63 -15.88 -4.33
N VAL B 396 0.12 -15.94 -3.24
CA VAL B 396 1.27 -16.82 -3.13
C VAL B 396 1.21 -17.47 -1.75
N GLN B 397 1.45 -18.78 -1.70
CA GLN B 397 1.38 -19.54 -0.46
C GLN B 397 2.65 -20.38 -0.34
N VAL B 398 3.00 -20.72 0.91
CA VAL B 398 4.17 -21.57 1.17
C VAL B 398 3.73 -22.69 2.11
N GLU B 399 4.30 -23.89 1.91
CA GLU B 399 3.89 -25.02 2.73
C GLU B 399 4.75 -25.07 4.00
N VAL B 400 4.09 -25.01 5.16
CA VAL B 400 4.82 -24.98 6.43
C VAL B 400 4.19 -26.02 7.35
N ASP B 401 4.92 -27.12 7.63
CA ASP B 401 4.39 -28.20 8.45
C ASP B 401 3.06 -28.72 7.88
N GLY B 402 3.03 -28.94 6.56
CA GLY B 402 1.87 -29.51 5.92
C GLY B 402 0.66 -28.57 5.89
N VAL B 403 0.85 -27.31 6.29
CA VAL B 403 -0.21 -26.31 6.14
C VAL B 403 0.21 -25.29 5.07
N TRP B 404 -0.68 -25.07 4.10
CA TRP B 404 -0.43 -24.06 3.05
C TRP B 404 -0.74 -22.66 3.58
N GLN B 405 0.30 -21.92 4.00
N GLN B 405 0.31 -21.91 3.95
CA GLN B 405 0.07 -20.63 4.65
CA GLN B 405 0.14 -20.63 4.63
C GLN B 405 0.25 -19.51 3.63
C GLN B 405 0.36 -19.48 3.67
N GLU B 406 -0.26 -18.33 3.97
CA GLU B 406 -0.15 -17.18 3.09
C GLU B 406 1.26 -16.60 3.11
N PHE B 407 1.75 -16.22 1.92
CA PHE B 407 3.02 -15.52 1.77
C PHE B 407 2.72 -14.04 1.46
N GLY B 408 1.88 -13.81 0.45
CA GLY B 408 1.48 -12.45 0.10
C GLY B 408 0.40 -12.51 -0.98
N SER B 409 -0.15 -11.35 -1.34
CA SER B 409 -1.08 -11.30 -2.47
C SER B 409 -0.87 -9.97 -3.19
N GLY B 410 -1.45 -9.82 -4.39
CA GLY B 410 -1.44 -8.53 -5.05
C GLY B 410 -2.47 -8.51 -6.17
N HIS B 411 -2.43 -7.42 -6.95
CA HIS B 411 -3.33 -7.23 -8.07
C HIS B 411 -2.58 -7.60 -9.35
N THR B 412 -1.72 -6.67 -9.79
CA THR B 412 -1.08 -6.79 -11.10
C THR B 412 0.31 -7.44 -10.96
N VAL B 413 0.81 -7.91 -12.10
CA VAL B 413 2.20 -8.33 -12.22
C VAL B 413 2.94 -7.32 -13.09
N GLY B 414 2.56 -7.23 -14.37
CA GLY B 414 3.20 -6.27 -15.26
C GLY B 414 4.55 -6.78 -15.79
N TYR B 415 5.43 -5.83 -16.08
CA TYR B 415 6.76 -6.14 -16.60
C TYR B 415 7.54 -6.97 -15.58
N LYS B 416 7.40 -6.63 -14.29
CA LYS B 416 8.13 -7.28 -13.20
C LYS B 416 7.45 -6.92 -11.88
N ARG B 417 7.12 -7.94 -11.09
CA ARG B 417 6.51 -7.70 -9.79
C ARG B 417 7.40 -8.40 -8.78
N LEU B 418 7.84 -7.63 -7.79
CA LEU B 418 8.51 -8.16 -6.62
C LEU B 418 7.45 -8.16 -5.52
N LEU B 419 7.35 -9.27 -4.80
CA LEU B 419 6.45 -9.25 -3.65
C LEU B 419 7.19 -9.85 -2.46
N ARG B 420 7.27 -9.06 -1.39
CA ARG B 420 7.94 -9.52 -0.18
C ARG B 420 6.94 -10.23 0.74
N GLY B 421 7.51 -11.14 1.56
CA GLY B 421 6.80 -11.79 2.65
C GLY B 421 7.73 -11.93 3.85
N ALA B 422 7.20 -12.48 4.95
CA ALA B 422 8.05 -12.79 6.10
C ALA B 422 9.05 -13.85 5.68
N VAL B 423 10.30 -13.79 6.21
CA VAL B 423 11.32 -14.75 5.82
C VAL B 423 10.85 -16.15 6.22
N VAL B 424 10.88 -17.11 5.28
CA VAL B 424 10.43 -18.48 5.53
C VAL B 424 11.46 -19.47 4.98
N GLU B 425 11.53 -20.66 5.60
CA GLU B 425 12.26 -21.78 5.04
C GLU B 425 11.26 -22.82 4.57
N ALA B 426 11.25 -23.08 3.26
CA ALA B 426 10.23 -23.91 2.63
C ALA B 426 10.78 -24.48 1.33
N GLN B 427 10.20 -25.60 0.94
CA GLN B 427 10.54 -26.29 -0.29
C GLN B 427 9.42 -26.15 -1.32
N LYS B 428 8.18 -25.89 -0.86
CA LYS B 428 7.04 -25.90 -1.77
C LYS B 428 6.28 -24.58 -1.72
N ILE B 429 6.03 -23.98 -2.91
CA ILE B 429 5.41 -22.66 -3.02
C ILE B 429 4.29 -22.78 -4.03
N ARG B 430 3.17 -22.07 -3.79
CA ARG B 430 2.14 -21.99 -4.80
C ARG B 430 1.95 -20.56 -5.24
N VAL B 431 1.74 -20.37 -6.55
CA VAL B 431 1.37 -19.11 -7.16
C VAL B 431 0.01 -19.34 -7.79
N VAL B 432 -0.98 -18.56 -7.36
CA VAL B 432 -2.35 -18.80 -7.77
C VAL B 432 -2.87 -17.55 -8.46
N ILE B 433 -3.28 -17.70 -9.72
CA ILE B 433 -3.80 -16.57 -10.49
C ILE B 433 -5.31 -16.67 -10.43
N THR B 434 -5.94 -15.61 -9.90
CA THR B 434 -7.36 -15.66 -9.60
C THR B 434 -8.19 -14.74 -10.48
N GLU B 435 -7.57 -13.72 -11.09
N GLU B 435 -7.58 -13.69 -11.07
CA GLU B 435 -8.30 -12.91 -12.08
CA GLU B 435 -8.27 -12.82 -12.03
C GLU B 435 -7.31 -12.48 -13.16
C GLU B 435 -7.29 -12.49 -13.16
N SER B 436 -7.77 -12.53 -14.42
CA SER B 436 -6.92 -12.18 -15.55
C SER B 436 -7.78 -11.73 -16.72
N GLN B 437 -7.30 -10.74 -17.48
CA GLN B 437 -8.08 -10.09 -18.54
C GLN B 437 -8.10 -10.96 -19.78
N ALA B 438 -7.13 -11.86 -19.86
CA ALA B 438 -7.06 -12.83 -20.94
C ALA B 438 -6.20 -13.98 -20.40
N LEU B 439 -6.02 -15.04 -21.20
CA LEU B 439 -5.32 -16.19 -20.63
C LEU B 439 -3.94 -15.75 -20.13
N PRO B 440 -3.52 -16.13 -18.91
CA PRO B 440 -2.28 -15.59 -18.37
C PRO B 440 -1.02 -16.23 -18.94
N LEU B 441 0.01 -15.38 -19.10
CA LEU B 441 1.37 -15.79 -19.37
C LEU B 441 2.25 -15.32 -18.22
N LEU B 442 3.28 -16.13 -17.93
CA LEU B 442 4.40 -15.65 -17.14
C LEU B 442 5.70 -16.08 -17.82
N THR B 443 6.73 -15.25 -17.73
CA THR B 443 8.01 -15.59 -18.35
C THR B 443 8.97 -16.19 -17.32
N LYS B 444 8.70 -15.93 -16.03
CA LYS B 444 9.68 -16.26 -15.00
C LYS B 444 9.04 -16.22 -13.61
N ILE B 445 9.45 -17.17 -12.75
CA ILE B 445 9.27 -17.02 -11.31
C ILE B 445 10.64 -17.16 -10.66
N SER B 446 11.02 -16.19 -9.81
CA SER B 446 12.26 -16.24 -9.05
C SER B 446 11.99 -16.04 -7.56
N LEU B 447 12.93 -16.49 -6.73
CA LEU B 447 12.81 -16.31 -5.30
C LEU B 447 14.15 -15.80 -4.81
N TYR B 448 14.12 -14.85 -3.87
CA TYR B 448 15.36 -14.26 -3.36
C TYR B 448 15.26 -14.04 -1.87
N LYS B 449 16.43 -13.85 -1.25
CA LYS B 449 16.50 -13.45 0.13
C LYS B 449 17.10 -12.05 0.18
N THR B 450 16.39 -11.13 0.84
CA THR B 450 16.90 -9.77 0.95
C THR B 450 18.19 -9.80 1.76
N PRO B 451 19.21 -9.02 1.34
N PRO B 451 19.11 -8.83 1.57
CA PRO B 451 20.46 -8.90 2.11
CA PRO B 451 20.31 -8.76 2.40
C PRO B 451 20.29 -7.97 3.33
C PRO B 451 19.91 -8.50 3.86
C1 NDG C . -4.13 -20.95 6.25
C2 NDG C . -4.47 -20.22 7.56
C3 NDG C . -5.97 -20.01 7.80
C4 NDG C . -6.59 -19.31 6.58
C5 NDG C . -6.16 -20.04 5.28
C6 NDG C . -6.51 -19.30 3.99
C7 NDG C . -2.70 -20.79 9.16
C8 NDG C . -2.18 -21.73 10.24
O5 NDG C . -4.72 -20.15 5.21
O3 NDG C . -6.18 -19.23 9.01
O4 NDG C . -8.01 -19.36 6.71
O6 NDG C . -5.98 -17.95 4.02
O7 NDG C . -2.03 -19.87 8.76
N2 NDG C . -3.91 -21.00 8.68
O1 NDG C . -4.81 -22.21 6.27
C1 FUC C . -7.19 -19.61 9.84
C2 FUC C . -6.95 -20.77 10.79
C3 FUC C . -5.78 -20.40 11.70
C4 FUC C . -6.21 -19.19 12.54
C5 FUC C . -6.59 -18.01 11.61
C6 FUC C . -7.20 -16.81 12.34
O2 FUC C . -6.59 -21.95 10.07
O3 FUC C . -5.42 -21.54 12.48
O4 FUC C . -7.31 -19.54 13.45
O5 FUC C . -7.54 -18.46 10.62
C1 GAL C . -8.61 -18.16 6.46
C2 GAL C . -10.09 -18.43 6.20
C3 GAL C . -10.89 -17.13 6.23
C4 GAL C . -10.72 -16.32 7.52
C5 GAL C . -9.21 -16.17 7.69
C6 GAL C . -8.90 -15.47 8.99
O2 GAL C . -10.25 -18.94 4.88
O3 GAL C . -12.29 -17.47 6.02
O4 GAL C . -11.24 -17.12 8.60
O5 GAL C . -8.57 -17.49 7.73
O6 GAL C . -7.52 -15.01 8.98
C1 NDG D . 4.12 21.05 -6.49
C2 NDG D . 5.36 20.41 -7.07
C3 NDG D . 5.24 20.10 -8.57
C4 NDG D . 4.00 19.29 -8.87
C5 NDG D . 2.78 19.93 -8.18
C6 NDG D . 1.49 19.13 -8.32
C7 NDG D . 7.31 21.08 -5.70
C8 NDG D . 8.44 22.06 -5.50
O5 NDG D . 3.00 20.16 -6.76
O3 NDG D . 6.39 19.37 -8.95
O4 NDG D . 3.72 19.25 -10.31
O6 NDG D . 1.68 17.84 -7.67
O7 NDG D . 7.14 20.17 -4.92
N2 NDG D . 6.49 21.27 -6.76
O1 NDG D . 3.90 22.28 -7.19
C1 FUC D . 7.01 19.66 -10.13
C2 FUC D . 7.93 20.89 -10.13
C3 FUC D . 9.12 20.66 -9.19
C4 FUC D . 9.89 19.44 -9.70
C5 FUC D . 8.91 18.25 -9.86
C6 FUC D . 9.61 17.09 -10.55
O2 FUC D . 7.18 22.04 -9.76
O3 FUC D . 9.88 21.85 -9.10
O4 FUC D . 10.56 19.78 -10.97
O5 FUC D . 7.75 18.58 -10.66
C1 GAL D . 3.52 18.00 -10.73
C2 GAL D . 2.87 18.27 -12.10
C3 GAL D . 2.83 16.96 -12.92
C4 GAL D . 4.15 16.27 -12.99
C5 GAL D . 4.71 16.09 -11.57
C6 GAL D . 6.07 15.40 -11.55
O2 GAL D . 1.53 18.71 -11.93
O3 GAL D . 2.32 17.13 -14.28
O4 GAL D . 5.07 17.07 -13.78
O5 GAL D . 4.82 17.41 -11.00
O6 GAL D . 6.39 15.04 -10.20
C1 EDO E . 1.54 7.46 3.70
O1 EDO E . 1.20 6.40 2.83
C2 EDO E . 3.02 7.54 3.85
O2 EDO E . 3.42 6.96 5.08
C1 EDO F . -27.34 -11.62 7.46
O1 EDO F . -27.99 -12.17 8.59
C2 EDO F . -26.94 -12.72 6.55
O2 EDO F . -28.06 -13.48 6.15
C1 EDO G . -10.46 2.33 13.14
O1 EDO G . -10.45 3.29 12.18
C2 EDO G . -11.80 1.71 13.04
O2 EDO G . -11.82 0.75 14.01
C1 EDO H . -14.17 -23.98 36.78
O1 EDO H . -13.50 -24.87 37.68
C2 EDO H . -13.21 -23.04 36.16
O2 EDO H . -12.04 -23.68 35.62
C1 EDO I . -26.67 0.35 -2.06
O1 EDO I . -27.07 0.76 -0.76
C2 EDO I . -26.50 1.54 -2.92
O2 EDO I . -25.47 2.42 -2.47
C1 EDO J . 12.05 34.50 -24.87
O1 EDO J . 11.63 34.56 -23.52
C2 EDO J . 12.95 35.62 -25.25
O2 EDO J . 12.54 36.91 -24.82
#